data_4OR0
#
_entry.id   4OR0
#
_cell.length_a   216.043
_cell.length_b   44.897
_cell.length_c   141.699
_cell.angle_alpha   90.00
_cell.angle_beta   113.99
_cell.angle_gamma   90.00
#
_symmetry.space_group_name_H-M   'C 1 2 1'
#
loop_
_entity.id
_entity.type
_entity.pdbx_description
1 polymer 'Serum albumin'
2 non-polymer '(2S)-2-(6-methoxynaphthalen-2-yl)propanoic acid'
3 non-polymer 'TRIETHYLENE GLYCOL'
4 non-polymer DI(HYDROXYETHYL)ETHER
5 water water
#
_entity_poly.entity_id   1
_entity_poly.type   'polypeptide(L)'
_entity_poly.pdbx_seq_one_letter_code
;DTHKSEIAHRFKDLGEEHFKGLVLIAFSQYLQQCPFDEHVKLVNELTEFAKTCVADESHAGCEKSLHTLFGDELCKVASL
RETYGDMADCCEKQEPERNECFLSHKDDSPDLPKLKPDPNTLCDEFKADEKKFWGKYLYEIARRHPYFYAPELLYYANKY
NGVFQECCQAEDKGACLLPKIETMREKVLTSSARQRLRCASIQKFGERALKAWSVARLSQKFPKAEFVEVTKLVTDLTKV
HKECCHGDLLECADDRADLAKYICDNQDTISSKLKECCDKPLLEKSHCIAEVEKDAIPENLPPLTADFAEDKDVCKNYQE
AKDAFLGSFLYEYSRRHPEYAVSVLLRLAKEYEATLEECCAKDDPHACYSTVFDKLKHLVDEPQNLIKQNCDQFEKLGEY
GFQNALIVRYTRKVPQVSTPTLVEVSRSLGKVGTRCCTKPESERMPCTEDYLSLILNRLCVLHEKTPVSEKVTKCCTESL
VNRRPCFSALTPDETYVPKAFDEKLFTFHADICTLPDTEKQIKKQTALVELLKHKPKATEEQLKTVMENFVAFVDKCCAA
DDKEACFAVEGPKLVVSTQTALA
;
_entity_poly.pdbx_strand_id   A,B
#
loop_
_chem_comp.id
_chem_comp.type
_chem_comp.name
_chem_comp.formula
NPS non-polymer '(2S)-2-(6-methoxynaphthalen-2-yl)propanoic acid' 'C14 H14 O3'
PEG non-polymer DI(HYDROXYETHYL)ETHER 'C4 H10 O3'
PGE non-polymer 'TRIETHYLENE GLYCOL' 'C6 H14 O4'
#
# COMPACT_ATOMS: atom_id res chain seq x y z
N THR A 2 -7.02 -16.22 -46.36
CA THR A 2 -7.35 -15.06 -47.26
C THR A 2 -6.34 -13.87 -47.17
N HIS A 3 -5.76 -13.60 -46.00
CA HIS A 3 -4.65 -12.59 -45.87
C HIS A 3 -3.37 -13.38 -45.57
N LYS A 4 -2.26 -13.03 -46.22
CA LYS A 4 -1.02 -13.78 -45.99
C LYS A 4 -0.68 -13.91 -44.48
N SER A 5 -0.83 -12.82 -43.73
CA SER A 5 -0.28 -12.72 -42.40
C SER A 5 -1.27 -11.98 -41.52
N GLU A 6 -2.01 -12.74 -40.72
CA GLU A 6 -2.92 -12.18 -39.77
C GLU A 6 -2.32 -11.10 -38.87
N ILE A 7 -1.14 -11.34 -38.33
CA ILE A 7 -0.64 -10.29 -37.48
C ILE A 7 -0.44 -8.97 -38.30
N ALA A 8 0.18 -9.03 -39.47
CA ALA A 8 0.35 -7.82 -40.33
C ALA A 8 -0.96 -7.13 -40.50
N HIS A 9 -1.98 -7.90 -40.85
CA HIS A 9 -3.28 -7.37 -41.22
C HIS A 9 -3.88 -6.59 -40.08
N ARG A 10 -3.79 -7.14 -38.87
CA ARG A 10 -4.41 -6.46 -37.73
C ARG A 10 -3.62 -5.27 -37.27
N PHE A 11 -2.31 -5.36 -37.34
CA PHE A 11 -1.50 -4.22 -37.00
C PHE A 11 -1.84 -3.01 -37.91
N LYS A 12 -1.83 -3.21 -39.22
CA LYS A 12 -2.19 -2.14 -40.19
C LYS A 12 -3.53 -1.57 -39.82
N ASP A 13 -4.42 -2.46 -39.38
CA ASP A 13 -5.82 -2.14 -39.30
C ASP A 13 -6.08 -1.35 -38.07
N LEU A 14 -5.40 -1.69 -37.01
CA LEU A 14 -5.71 -1.07 -35.77
C LEU A 14 -4.80 0.12 -35.52
N GLY A 15 -3.62 0.08 -36.16
CA GLY A 15 -2.57 1.09 -35.87
C GLY A 15 -1.79 0.71 -34.64
N GLU A 16 -0.53 1.14 -34.54
CA GLU A 16 0.35 0.67 -33.48
C GLU A 16 -0.27 0.82 -32.12
N GLU A 17 -0.81 2.00 -31.77
CA GLU A 17 -1.11 2.32 -30.37
C GLU A 17 -2.14 1.41 -29.78
N HIS A 18 -3.16 1.19 -30.58
CA HIS A 18 -4.28 0.38 -30.18
C HIS A 18 -3.81 -1.03 -30.21
N PHE A 19 -2.97 -1.34 -31.19
CA PHE A 19 -2.52 -2.72 -31.29
C PHE A 19 -1.81 -3.05 -30.00
N LYS A 20 -0.91 -2.19 -29.50
CA LYS A 20 -0.21 -2.45 -28.25
C LYS A 20 -1.15 -2.54 -27.04
N GLY A 21 -2.21 -1.74 -27.02
CA GLY A 21 -3.05 -1.76 -25.85
C GLY A 21 -3.87 -3.04 -25.73
N LEU A 22 -4.24 -3.63 -26.86
CA LEU A 22 -4.98 -4.88 -26.87
C LEU A 22 -4.07 -6.04 -26.55
N VAL A 23 -2.84 -6.04 -27.04
CA VAL A 23 -1.95 -7.12 -26.74
C VAL A 23 -1.72 -7.20 -25.22
N LEU A 24 -1.60 -6.06 -24.58
CA LEU A 24 -1.34 -5.97 -23.18
C LEU A 24 -2.51 -6.53 -22.49
N ILE A 25 -3.67 -5.99 -22.86
CA ILE A 25 -4.91 -6.47 -22.23
C ILE A 25 -4.94 -7.99 -22.36
N ALA A 26 -4.76 -8.48 -23.60
CA ALA A 26 -4.72 -9.92 -23.79
C ALA A 26 -3.72 -10.62 -22.86
N PHE A 27 -2.47 -10.15 -22.80
CA PHE A 27 -1.57 -10.89 -21.90
C PHE A 27 -2.04 -10.84 -20.51
N SER A 28 -2.63 -9.69 -20.14
CA SER A 28 -2.91 -9.41 -18.75
C SER A 28 -4.04 -10.23 -18.28
N GLN A 29 -4.93 -10.60 -19.19
CA GLN A 29 -6.07 -11.49 -18.90
C GLN A 29 -5.66 -12.98 -18.83
N TYR A 30 -4.79 -13.39 -19.74
CA TYR A 30 -4.26 -14.76 -19.75
C TYR A 30 -3.42 -15.05 -18.50
N LEU A 31 -2.68 -14.02 -18.04
CA LEU A 31 -1.70 -14.12 -16.98
C LEU A 31 -1.88 -13.05 -15.93
N GLN A 32 -2.78 -13.29 -15.00
CA GLN A 32 -3.17 -12.26 -14.08
C GLN A 32 -2.21 -12.03 -12.92
N GLN A 33 -1.27 -12.92 -12.67
CA GLN A 33 -0.29 -12.56 -11.68
C GLN A 33 0.92 -11.72 -12.15
N CYS A 34 1.58 -12.10 -13.24
CA CYS A 34 2.81 -11.40 -13.67
C CYS A 34 2.78 -9.86 -13.50
N PRO A 35 3.88 -9.28 -12.98
CA PRO A 35 3.82 -7.83 -12.80
C PRO A 35 3.80 -7.13 -14.13
N PHE A 36 3.44 -5.86 -14.06
CA PHE A 36 3.35 -5.04 -15.21
C PHE A 36 4.55 -5.25 -16.11
N ASP A 37 5.73 -5.15 -15.53
CA ASP A 37 6.88 -5.11 -16.37
C ASP A 37 7.15 -6.30 -17.27
N GLU A 38 6.89 -7.52 -16.83
CA GLU A 38 6.92 -8.67 -17.75
C GLU A 38 6.07 -8.41 -18.94
N HIS A 39 4.93 -7.82 -18.66
CA HIS A 39 3.97 -7.72 -19.71
C HIS A 39 4.35 -6.72 -20.82
N VAL A 40 4.98 -5.61 -20.42
CA VAL A 40 5.38 -4.61 -21.38
C VAL A 40 6.50 -5.19 -22.24
N LYS A 41 7.14 -6.27 -21.80
CA LYS A 41 8.25 -6.87 -22.55
C LYS A 41 7.62 -7.73 -23.61
N LEU A 42 6.76 -8.60 -23.16
CA LEU A 42 5.95 -9.41 -24.05
C LEU A 42 5.34 -8.49 -25.11
N VAL A 43 4.72 -7.40 -24.68
CA VAL A 43 4.01 -6.53 -25.60
C VAL A 43 4.92 -5.99 -26.70
N ASN A 44 6.12 -5.56 -26.34
CA ASN A 44 6.99 -4.97 -27.35
C ASN A 44 7.61 -6.03 -28.24
N GLU A 45 8.00 -7.18 -27.68
CA GLU A 45 8.55 -8.28 -28.50
C GLU A 45 7.63 -8.53 -29.67
N LEU A 46 6.41 -8.90 -29.28
CA LEU A 46 5.33 -9.13 -30.17
C LEU A 46 5.17 -8.02 -31.17
N THR A 47 5.05 -6.78 -30.69
CA THR A 47 4.98 -5.64 -31.61
C THR A 47 6.17 -5.43 -32.56
N GLU A 48 7.40 -5.67 -32.11
CA GLU A 48 8.54 -5.61 -33.05
C GLU A 48 8.41 -6.58 -34.22
N PHE A 49 7.98 -7.77 -33.86
CA PHE A 49 7.85 -8.82 -34.78
C PHE A 49 6.75 -8.46 -35.75
N ALA A 50 5.65 -7.93 -35.22
CA ALA A 50 4.56 -7.51 -36.11
C ALA A 50 5.07 -6.47 -37.13
N LYS A 51 5.81 -5.48 -36.65
CA LYS A 51 6.48 -4.57 -37.56
C LYS A 51 7.29 -5.28 -38.66
N THR A 52 7.98 -6.38 -38.34
CA THR A 52 8.73 -7.04 -39.38
C THR A 52 7.77 -7.64 -40.37
N CYS A 53 6.65 -8.17 -39.89
CA CYS A 53 5.73 -8.81 -40.81
C CYS A 53 5.04 -7.79 -41.66
N VAL A 54 4.80 -6.59 -41.11
CA VAL A 54 4.26 -5.53 -41.92
C VAL A 54 5.14 -5.25 -43.14
N ALA A 55 6.44 -5.20 -42.93
CA ALA A 55 7.35 -4.83 -43.99
C ALA A 55 7.57 -5.99 -44.96
N ASP A 56 7.61 -7.23 -44.44
CA ASP A 56 7.90 -8.42 -45.25
C ASP A 56 7.05 -9.63 -44.83
N GLU A 57 5.96 -9.89 -45.54
CA GLU A 57 4.92 -10.79 -45.05
C GLU A 57 5.27 -12.30 -45.10
N SER A 58 6.31 -12.56 -45.88
CA SER A 58 6.95 -13.88 -46.18
C SER A 58 7.87 -14.23 -45.06
N HIS A 59 8.12 -13.28 -44.18
CA HIS A 59 9.19 -13.52 -43.28
C HIS A 59 8.73 -14.62 -42.32
N ALA A 60 9.66 -15.47 -41.89
CA ALA A 60 9.36 -16.67 -41.04
C ALA A 60 8.53 -16.34 -39.82
N GLY A 61 7.41 -17.05 -39.62
CA GLY A 61 6.53 -16.91 -38.43
C GLY A 61 5.37 -15.98 -38.78
N CYS A 62 5.54 -15.16 -39.80
CA CYS A 62 4.51 -14.20 -40.12
C CYS A 62 3.16 -14.85 -40.52
N GLU A 63 3.20 -16.13 -40.88
CA GLU A 63 1.99 -16.89 -41.29
C GLU A 63 1.26 -17.52 -40.15
N LYS A 64 1.87 -17.54 -38.97
CA LYS A 64 1.18 -18.23 -37.87
C LYS A 64 -0.07 -17.56 -37.41
N SER A 65 -0.99 -18.31 -36.89
CA SER A 65 -2.20 -17.73 -36.31
C SER A 65 -1.84 -16.80 -35.13
N LEU A 66 -2.74 -15.91 -34.80
CA LEU A 66 -2.61 -15.14 -33.53
C LEU A 66 -2.45 -15.98 -32.25
N HIS A 67 -3.26 -17.04 -32.05
CA HIS A 67 -3.04 -17.94 -30.83
C HIS A 67 -1.66 -18.49 -30.77
N THR A 68 -1.16 -18.98 -31.89
CA THR A 68 0.16 -19.57 -31.96
C THR A 68 1.18 -18.54 -31.58
N LEU A 69 1.13 -17.33 -32.16
CA LEU A 69 2.07 -16.32 -31.67
C LEU A 69 1.86 -15.90 -30.23
N PHE A 70 0.67 -15.47 -29.78
CA PHE A 70 0.58 -15.16 -28.34
C PHE A 70 1.09 -16.39 -27.54
N GLY A 71 0.55 -17.58 -27.83
CA GLY A 71 0.89 -18.76 -27.08
C GLY A 71 2.38 -18.98 -27.10
N ASP A 72 3.03 -18.80 -28.23
CA ASP A 72 4.46 -18.95 -28.27
C ASP A 72 5.11 -18.07 -27.22
N GLU A 73 4.61 -16.84 -27.09
CA GLU A 73 5.20 -15.86 -26.16
C GLU A 73 5.01 -16.15 -24.71
N LEU A 74 3.93 -16.84 -24.34
CA LEU A 74 3.63 -17.12 -22.96
C LEU A 74 4.41 -18.33 -22.49
N CYS A 75 4.80 -19.20 -23.40
CA CYS A 75 5.61 -20.32 -22.98
C CYS A 75 7.00 -19.91 -22.59
N LYS A 76 7.48 -18.82 -23.17
CA LYS A 76 8.82 -18.36 -22.85
C LYS A 76 8.94 -17.66 -21.49
N VAL A 77 7.83 -17.60 -20.74
CA VAL A 77 7.88 -17.04 -19.38
C VAL A 77 8.54 -18.04 -18.39
N ALA A 78 9.62 -17.60 -17.73
CA ALA A 78 10.32 -18.39 -16.70
C ALA A 78 9.43 -18.55 -15.44
N SER A 79 8.60 -17.55 -15.19
CA SER A 79 7.66 -17.53 -14.04
C SER A 79 6.56 -18.61 -14.08
N LEU A 80 6.24 -19.12 -15.27
CA LEU A 80 5.04 -19.95 -15.49
C LEU A 80 4.77 -21.09 -14.52
N ARG A 81 5.64 -22.09 -14.52
CA ARG A 81 5.54 -23.22 -13.61
C ARG A 81 5.62 -22.74 -12.15
N GLU A 82 6.62 -21.92 -11.83
CA GLU A 82 6.81 -21.36 -10.48
C GLU A 82 5.64 -20.50 -9.94
N THR A 83 5.10 -19.61 -10.77
CA THR A 83 3.93 -18.75 -10.41
C THR A 83 2.59 -19.43 -10.68
N TYR A 84 2.42 -20.03 -11.87
CA TYR A 84 1.07 -20.43 -12.33
C TYR A 84 0.68 -21.90 -12.10
N GLY A 85 1.62 -22.75 -11.69
CA GLY A 85 1.32 -24.16 -11.44
C GLY A 85 0.94 -24.81 -12.76
N ASP A 86 -0.05 -25.73 -12.72
CA ASP A 86 -0.47 -26.55 -13.88
C ASP A 86 -0.54 -25.84 -15.25
N MET A 87 -0.63 -24.50 -15.21
CA MET A 87 -0.56 -23.63 -16.39
C MET A 87 0.55 -23.93 -17.42
N ALA A 88 1.77 -24.15 -16.92
CA ALA A 88 2.89 -24.47 -17.78
C ALA A 88 2.70 -25.79 -18.54
N ASP A 89 1.73 -26.62 -18.11
CA ASP A 89 1.35 -27.83 -18.86
C ASP A 89 0.57 -27.54 -20.11
N CYS A 90 -0.04 -26.36 -20.20
CA CYS A 90 -0.64 -25.89 -21.45
C CYS A 90 0.39 -25.78 -22.56
N CYS A 91 1.60 -25.36 -22.18
CA CYS A 91 2.68 -25.23 -23.09
C CYS A 91 3.15 -26.54 -23.69
N GLU A 92 2.57 -27.68 -23.31
CA GLU A 92 3.02 -28.95 -23.84
C GLU A 92 2.10 -29.41 -24.90
N LYS A 93 1.08 -28.61 -25.16
CA LYS A 93 0.08 -29.01 -26.13
C LYS A 93 0.20 -28.36 -27.50
N GLN A 94 -0.47 -28.89 -28.48
CA GLN A 94 -0.58 -28.22 -29.77
C GLN A 94 -1.74 -27.22 -29.72
N GLU A 95 -1.72 -26.24 -30.64
CA GLU A 95 -2.93 -25.45 -30.90
C GLU A 95 -4.00 -26.33 -31.56
N PRO A 96 -5.30 -26.05 -31.32
CA PRO A 96 -5.84 -25.05 -30.47
C PRO A 96 -6.00 -25.51 -29.01
N GLU A 97 -5.64 -26.73 -28.66
CA GLU A 97 -5.79 -27.16 -27.25
C GLU A 97 -4.98 -26.30 -26.32
N ARG A 98 -3.81 -25.83 -26.78
CA ARG A 98 -2.97 -25.05 -25.90
C ARG A 98 -3.69 -23.76 -25.58
N ASN A 99 -4.26 -23.15 -26.59
CA ASN A 99 -4.97 -21.92 -26.35
C ASN A 99 -6.18 -22.11 -25.43
N GLU A 100 -6.99 -23.13 -25.69
CA GLU A 100 -8.10 -23.54 -24.83
C GLU A 100 -7.70 -23.72 -23.39
N CYS A 101 -6.56 -24.35 -23.20
CA CYS A 101 -6.02 -24.62 -21.92
C CYS A 101 -5.69 -23.30 -21.22
N PHE A 102 -4.97 -22.38 -21.85
CA PHE A 102 -4.78 -21.09 -21.18
C PHE A 102 -6.09 -20.46 -20.80
N LEU A 103 -6.97 -20.26 -21.77
CA LEU A 103 -8.24 -19.60 -21.51
C LEU A 103 -8.96 -20.24 -20.34
N SER A 104 -8.83 -21.54 -20.14
CA SER A 104 -9.60 -22.19 -19.04
C SER A 104 -9.01 -21.85 -17.69
N HIS A 105 -7.83 -21.23 -17.66
CA HIS A 105 -7.25 -20.81 -16.42
C HIS A 105 -7.58 -19.36 -16.10
N LYS A 106 -8.41 -18.71 -16.93
CA LYS A 106 -8.90 -17.37 -16.50
C LYS A 106 -9.61 -17.46 -15.19
N ASP A 107 -9.24 -16.50 -14.33
CA ASP A 107 -9.71 -16.52 -13.01
C ASP A 107 -10.65 -15.35 -12.70
N ASP A 108 -11.90 -15.69 -12.39
CA ASP A 108 -12.90 -14.68 -12.20
C ASP A 108 -12.77 -13.98 -10.84
N SER A 109 -12.04 -14.60 -9.93
CA SER A 109 -11.81 -14.00 -8.62
C SER A 109 -10.32 -14.02 -8.21
N PRO A 110 -9.46 -13.21 -8.85
CA PRO A 110 -8.01 -13.33 -8.70
C PRO A 110 -7.36 -12.85 -7.38
N ASP A 111 -8.12 -12.22 -6.49
CA ASP A 111 -7.59 -11.86 -5.17
C ASP A 111 -6.39 -10.82 -5.20
N LEU A 112 -6.68 -9.65 -5.75
CA LEU A 112 -5.63 -8.67 -5.95
C LEU A 112 -5.79 -7.49 -5.04
N PRO A 113 -4.64 -6.88 -4.63
CA PRO A 113 -4.71 -5.64 -3.83
C PRO A 113 -5.84 -4.73 -4.30
N LYS A 114 -6.70 -4.32 -3.37
CA LYS A 114 -7.76 -3.38 -3.69
C LYS A 114 -7.10 -2.04 -3.95
N LEU A 115 -7.45 -1.43 -5.07
CA LEU A 115 -6.70 -0.29 -5.64
C LEU A 115 -6.84 1.02 -4.87
N LYS A 116 -5.97 1.20 -3.87
CA LYS A 116 -5.95 2.40 -3.03
C LYS A 116 -5.13 3.49 -3.71
N PRO A 117 -5.78 4.51 -4.34
CA PRO A 117 -5.03 5.53 -5.12
C PRO A 117 -4.79 6.92 -4.42
N ASP A 118 -3.52 7.39 -4.38
CA ASP A 118 -3.18 8.73 -3.80
C ASP A 118 -3.20 9.79 -4.89
N PRO A 119 -4.19 10.70 -4.83
CA PRO A 119 -4.38 11.68 -5.89
C PRO A 119 -3.05 12.39 -6.25
N ASN A 120 -2.22 12.58 -5.20
CA ASN A 120 -0.87 13.09 -5.39
C ASN A 120 -0.04 12.15 -6.24
N THR A 121 0.26 10.96 -5.71
CA THR A 121 1.12 10.00 -6.41
C THR A 121 0.64 9.75 -7.83
N LEU A 122 -0.68 9.70 -7.97
CA LEU A 122 -1.32 9.54 -9.27
C LEU A 122 -1.13 10.67 -10.26
N CYS A 123 -1.15 11.94 -9.82
CA CYS A 123 -0.88 13.03 -10.75
C CYS A 123 0.60 13.09 -11.06
N ASP A 124 1.42 12.54 -10.16
CA ASP A 124 2.87 12.43 -10.35
C ASP A 124 3.20 11.44 -11.46
N GLU A 125 2.88 10.18 -11.20
CA GLU A 125 3.01 9.09 -12.19
C GLU A 125 2.48 9.49 -13.56
N PHE A 126 1.44 10.32 -13.58
CA PHE A 126 0.79 10.74 -14.83
C PHE A 126 1.61 11.76 -15.61
N LYS A 127 2.02 12.84 -14.95
CA LYS A 127 2.89 13.84 -15.57
C LYS A 127 4.24 13.25 -16.02
N ALA A 128 4.80 12.36 -15.20
CA ALA A 128 6.02 11.61 -15.55
C ALA A 128 5.88 10.76 -16.83
N ASP A 129 4.86 9.89 -16.86
CA ASP A 129 4.64 9.04 -18.04
C ASP A 129 3.16 8.80 -18.36
N GLU A 130 2.68 9.60 -19.32
CA GLU A 130 1.29 9.56 -19.71
C GLU A 130 1.03 8.22 -20.32
N LYS A 131 1.90 7.77 -21.22
CA LYS A 131 1.55 6.57 -21.94
C LYS A 131 1.71 5.34 -21.06
N LYS A 132 2.63 5.38 -20.10
CA LYS A 132 2.79 4.23 -19.22
C LYS A 132 1.64 4.16 -18.24
N PHE A 133 1.15 5.33 -17.82
CA PHE A 133 -0.06 5.43 -17.03
C PHE A 133 -1.26 4.81 -17.70
N TRP A 134 -1.45 5.18 -18.96
CA TRP A 134 -2.53 4.67 -19.75
C TRP A 134 -2.42 3.15 -19.78
N GLY A 135 -1.22 2.63 -19.93
CA GLY A 135 -1.05 1.21 -19.94
C GLY A 135 -1.30 0.59 -18.59
N LYS A 136 -0.92 1.26 -17.54
CA LYS A 136 -0.90 0.65 -16.22
C LYS A 136 -2.34 0.36 -15.84
N TYR A 137 -3.20 1.28 -16.22
CA TYR A 137 -4.60 1.16 -15.91
C TYR A 137 -5.23 0.00 -16.70
N LEU A 138 -5.08 -0.02 -18.03
CA LEU A 138 -5.41 -1.23 -18.80
C LEU A 138 -4.96 -2.51 -18.06
N TYR A 139 -3.73 -2.55 -17.57
CA TYR A 139 -3.27 -3.76 -16.97
C TYR A 139 -4.11 -4.09 -15.73
N GLU A 140 -4.30 -3.11 -14.87
CA GLU A 140 -4.83 -3.42 -13.57
C GLU A 140 -6.30 -3.80 -13.70
N ILE A 141 -7.01 -3.16 -14.62
CA ILE A 141 -8.42 -3.51 -14.79
C ILE A 141 -8.55 -4.91 -15.43
N ALA A 142 -7.74 -5.06 -16.47
CA ALA A 142 -7.84 -6.21 -17.31
C ALA A 142 -7.42 -7.47 -16.55
N ARG A 143 -6.45 -7.36 -15.64
CA ARG A 143 -6.08 -8.53 -14.90
C ARG A 143 -7.16 -8.91 -13.90
N ARG A 144 -8.02 -7.97 -13.52
CA ARG A 144 -9.04 -8.21 -12.47
C ARG A 144 -10.37 -8.61 -13.11
N HIS A 145 -10.45 -8.33 -14.42
CA HIS A 145 -11.66 -8.60 -15.18
C HIS A 145 -11.30 -9.30 -16.44
N PRO A 146 -10.97 -10.58 -16.31
CA PRO A 146 -10.29 -11.21 -17.45
C PRO A 146 -11.22 -11.49 -18.62
N TYR A 147 -12.49 -11.12 -18.53
CA TYR A 147 -13.33 -11.13 -19.72
C TYR A 147 -13.74 -9.72 -20.10
N PHE A 148 -13.12 -8.73 -19.56
CA PHE A 148 -13.65 -7.44 -19.82
C PHE A 148 -13.59 -7.11 -21.33
N TYR A 149 -14.63 -6.48 -21.84
CA TYR A 149 -14.72 -6.14 -23.27
C TYR A 149 -13.57 -5.22 -23.74
N ALA A 150 -12.59 -5.81 -24.43
CA ALA A 150 -11.31 -5.19 -24.52
C ALA A 150 -11.33 -3.78 -25.23
N PRO A 151 -12.02 -3.60 -26.40
CA PRO A 151 -12.07 -2.27 -27.06
C PRO A 151 -12.81 -1.26 -26.23
N GLU A 152 -13.71 -1.75 -25.40
CA GLU A 152 -14.44 -0.82 -24.53
C GLU A 152 -13.50 -0.45 -23.43
N LEU A 153 -12.48 -1.28 -23.17
CA LEU A 153 -11.51 -0.93 -22.15
C LEU A 153 -10.53 0.17 -22.58
N LEU A 154 -10.00 0.08 -23.78
CA LEU A 154 -9.20 1.16 -24.30
C LEU A 154 -10.00 2.49 -24.25
N TYR A 155 -11.31 2.45 -24.53
CA TYR A 155 -12.16 3.65 -24.36
C TYR A 155 -12.09 4.24 -22.94
N TYR A 156 -12.34 3.40 -21.93
CA TYR A 156 -12.21 3.86 -20.56
C TYR A 156 -10.81 4.33 -20.26
N ALA A 157 -9.78 3.72 -20.83
CA ALA A 157 -8.43 4.17 -20.45
C ALA A 157 -8.16 5.66 -20.84
N ASN A 158 -8.55 6.03 -22.05
CA ASN A 158 -8.57 7.39 -22.45
C ASN A 158 -9.38 8.28 -21.54
N LYS A 159 -10.54 7.83 -21.07
CA LYS A 159 -11.41 8.75 -20.39
C LYS A 159 -10.75 9.03 -19.09
N TYR A 160 -10.14 7.98 -18.54
CA TYR A 160 -9.29 8.07 -17.37
C TYR A 160 -8.26 9.14 -17.67
N ASN A 161 -7.41 8.91 -18.65
CA ASN A 161 -6.39 9.91 -19.01
C ASN A 161 -6.94 11.36 -19.18
N GLY A 162 -8.10 11.51 -19.84
CA GLY A 162 -8.73 12.80 -20.01
C GLY A 162 -9.23 13.37 -18.68
N VAL A 163 -9.56 12.52 -17.73
CA VAL A 163 -9.88 13.03 -16.41
C VAL A 163 -8.66 13.71 -15.76
N PHE A 164 -7.46 13.15 -15.87
CA PHE A 164 -6.28 13.79 -15.26
C PHE A 164 -5.67 14.98 -16.04
N GLN A 165 -5.66 14.88 -17.37
CA GLN A 165 -5.40 16.05 -18.21
C GLN A 165 -6.25 17.30 -17.84
N GLU A 166 -7.51 17.12 -17.43
CA GLU A 166 -8.40 18.24 -17.02
C GLU A 166 -8.30 18.55 -15.53
N CYS A 167 -7.80 17.62 -14.73
CA CYS A 167 -7.86 17.80 -13.28
C CYS A 167 -6.56 18.00 -12.55
N CYS A 168 -5.41 17.62 -13.12
CA CYS A 168 -4.13 17.80 -12.38
C CYS A 168 -3.63 19.26 -12.39
N GLN A 169 -4.18 20.04 -13.33
CA GLN A 169 -3.86 21.46 -13.55
C GLN A 169 -4.83 22.34 -12.77
N ALA A 170 -5.73 21.72 -12.01
CA ALA A 170 -6.47 22.45 -10.99
C ALA A 170 -5.64 22.54 -9.69
N GLU A 171 -6.22 23.19 -8.67
CA GLU A 171 -5.57 23.55 -7.40
C GLU A 171 -5.94 22.54 -6.34
N ASP A 172 -7.23 22.40 -6.07
CA ASP A 172 -7.72 21.24 -5.34
C ASP A 172 -7.91 20.06 -6.33
N LYS A 173 -6.83 19.34 -6.65
CA LYS A 173 -6.90 18.13 -7.49
C LYS A 173 -7.84 17.02 -6.86
N GLY A 174 -7.66 16.68 -5.58
CA GLY A 174 -8.53 15.74 -4.88
C GLY A 174 -9.98 15.91 -5.27
N ALA A 175 -10.59 17.01 -4.83
CA ALA A 175 -12.00 17.34 -5.11
C ALA A 175 -12.46 17.24 -6.59
N CYS A 176 -11.52 17.37 -7.54
CA CYS A 176 -11.84 17.25 -8.97
C CYS A 176 -11.85 15.76 -9.37
N LEU A 177 -11.01 14.96 -8.69
CA LEU A 177 -10.69 13.59 -9.06
C LEU A 177 -11.64 12.59 -8.51
N LEU A 178 -11.82 12.62 -7.20
CA LEU A 178 -12.51 11.53 -6.53
C LEU A 178 -13.94 11.33 -7.02
N PRO A 179 -14.73 12.42 -7.20
CA PRO A 179 -16.04 12.30 -7.88
C PRO A 179 -15.92 11.58 -9.22
N LYS A 180 -15.17 12.17 -10.15
CA LYS A 180 -15.01 11.61 -11.49
C LYS A 180 -14.51 10.14 -11.57
N ILE A 181 -13.52 9.77 -10.74
CA ILE A 181 -13.02 8.40 -10.59
C ILE A 181 -14.15 7.45 -10.21
N GLU A 182 -14.82 7.70 -9.07
CA GLU A 182 -15.99 6.94 -8.58
C GLU A 182 -17.05 6.73 -9.62
N THR A 183 -17.49 7.82 -10.26
CA THR A 183 -18.48 7.80 -11.33
C THR A 183 -18.06 6.89 -12.52
N MET A 184 -16.79 6.97 -12.87
CA MET A 184 -16.27 6.15 -13.93
C MET A 184 -16.16 4.69 -13.48
N ARG A 185 -15.72 4.49 -12.24
CA ARG A 185 -15.40 3.18 -11.73
C ARG A 185 -16.65 2.30 -11.50
N GLU A 186 -17.79 2.91 -11.25
CA GLU A 186 -19.02 2.18 -11.37
C GLU A 186 -19.17 1.71 -12.79
N LYS A 187 -19.06 2.66 -13.71
CA LYS A 187 -19.45 2.39 -15.08
C LYS A 187 -18.67 1.22 -15.66
N VAL A 188 -17.48 1.00 -15.08
CA VAL A 188 -16.54 0.01 -15.53
C VAL A 188 -16.91 -1.32 -14.92
N LEU A 189 -17.26 -1.34 -13.63
CA LEU A 189 -17.72 -2.62 -13.05
C LEU A 189 -18.97 -3.16 -13.75
N THR A 190 -19.92 -2.29 -13.93
CA THR A 190 -21.09 -2.58 -14.66
C THR A 190 -20.77 -3.09 -16.04
N SER A 191 -19.95 -2.40 -16.78
CA SER A 191 -19.61 -2.85 -18.13
C SER A 191 -19.00 -4.27 -18.09
N SER A 192 -18.21 -4.56 -17.08
CA SER A 192 -17.59 -5.84 -16.93
C SER A 192 -18.61 -6.93 -16.67
N ALA A 193 -19.61 -6.64 -15.87
CA ALA A 193 -20.54 -7.68 -15.51
C ALA A 193 -21.44 -7.91 -16.71
N ARG A 194 -21.81 -6.88 -17.49
CA ARG A 194 -22.57 -7.06 -18.76
C ARG A 194 -21.76 -8.04 -19.66
N GLN A 195 -20.47 -7.68 -19.86
CA GLN A 195 -19.60 -8.45 -20.71
C GLN A 195 -19.42 -9.83 -20.24
N ARG A 196 -19.32 -10.07 -18.92
CA ARG A 196 -19.25 -11.44 -18.44
C ARG A 196 -20.48 -12.26 -18.69
N LEU A 197 -21.61 -11.60 -18.73
CA LEU A 197 -22.84 -12.38 -19.03
C LEU A 197 -23.00 -12.69 -20.53
N ARG A 198 -22.55 -11.75 -21.34
CA ARG A 198 -22.42 -12.04 -22.75
C ARG A 198 -21.47 -13.21 -22.99
N CYS A 199 -20.33 -13.31 -22.34
CA CYS A 199 -19.57 -14.55 -22.51
C CYS A 199 -20.24 -15.66 -21.86
N ALA A 200 -20.90 -15.47 -20.74
CA ALA A 200 -21.43 -16.73 -20.17
C ALA A 200 -22.51 -17.35 -21.12
N SER A 201 -23.32 -16.53 -21.77
CA SER A 201 -24.18 -17.04 -22.82
C SER A 201 -23.51 -18.01 -23.72
N ILE A 202 -22.51 -17.63 -24.51
CA ILE A 202 -21.95 -18.55 -25.55
C ILE A 202 -21.37 -19.77 -24.91
N GLN A 203 -20.46 -19.59 -23.96
CA GLN A 203 -19.84 -20.69 -23.22
C GLN A 203 -20.82 -21.67 -22.69
N LYS A 204 -21.92 -21.25 -22.12
CA LYS A 204 -22.76 -22.27 -21.47
C LYS A 204 -24.02 -22.51 -22.22
N PHE A 205 -24.32 -21.70 -23.22
CA PHE A 205 -25.60 -21.87 -23.90
C PHE A 205 -25.50 -21.76 -25.37
N GLY A 206 -24.33 -21.66 -25.96
CA GLY A 206 -24.30 -21.60 -27.39
C GLY A 206 -24.32 -20.21 -28.00
N GLU A 207 -23.61 -20.11 -29.12
CA GLU A 207 -23.68 -18.91 -29.85
C GLU A 207 -25.13 -18.49 -30.08
N ARG A 208 -26.04 -19.43 -30.19
CA ARG A 208 -27.43 -18.99 -30.42
C ARG A 208 -28.00 -18.12 -29.30
N ALA A 209 -27.51 -18.24 -28.09
CA ALA A 209 -28.02 -17.42 -27.02
C ALA A 209 -27.47 -15.98 -27.17
N LEU A 210 -26.21 -15.93 -27.56
CA LEU A 210 -25.63 -14.59 -27.74
C LEU A 210 -26.34 -13.94 -28.93
N LYS A 211 -26.39 -14.62 -30.05
CA LYS A 211 -27.10 -14.09 -31.20
C LYS A 211 -28.44 -13.54 -30.79
N ALA A 212 -29.25 -14.32 -30.06
CA ALA A 212 -30.58 -13.84 -29.62
C ALA A 212 -30.51 -12.59 -28.75
N TRP A 213 -29.60 -12.55 -27.79
CA TRP A 213 -29.39 -11.29 -27.15
C TRP A 213 -29.20 -10.16 -28.15
N SER A 214 -28.33 -10.36 -29.14
CA SER A 214 -28.04 -9.34 -30.14
C SER A 214 -29.33 -8.83 -30.86
N VAL A 215 -30.23 -9.74 -31.21
CA VAL A 215 -31.54 -9.31 -31.79
C VAL A 215 -32.35 -8.48 -30.80
N ALA A 216 -32.42 -8.91 -29.56
CA ALA A 216 -33.29 -8.22 -28.61
C ALA A 216 -32.76 -6.84 -28.48
N ARG A 217 -31.49 -6.72 -28.15
CA ARG A 217 -30.90 -5.43 -27.97
C ARG A 217 -31.03 -4.52 -29.21
N LEU A 218 -30.68 -5.09 -30.33
CA LEU A 218 -30.66 -4.25 -31.49
C LEU A 218 -32.06 -3.81 -31.88
N SER A 219 -33.06 -4.70 -31.80
CA SER A 219 -34.38 -4.31 -32.25
C SER A 219 -35.00 -3.27 -31.36
N GLN A 220 -34.71 -3.35 -30.07
CA GLN A 220 -35.19 -2.34 -29.19
C GLN A 220 -34.59 -1.00 -29.58
N LYS A 221 -33.31 -0.99 -29.93
CA LYS A 221 -32.59 0.26 -30.06
C LYS A 221 -32.89 0.87 -31.40
N PHE A 222 -33.16 0.03 -32.38
CA PHE A 222 -33.36 0.47 -33.76
C PHE A 222 -34.61 -0.18 -34.30
N PRO A 223 -35.75 0.19 -33.78
CA PRO A 223 -37.00 -0.43 -34.18
C PRO A 223 -37.46 0.03 -35.56
N LYS A 224 -36.86 1.10 -36.11
CA LYS A 224 -37.16 1.51 -37.46
C LYS A 224 -36.59 0.50 -38.44
N ALA A 225 -35.45 -0.10 -38.11
CA ALA A 225 -34.69 -0.87 -39.07
C ALA A 225 -35.47 -2.10 -39.44
N GLU A 226 -35.24 -2.68 -40.60
CA GLU A 226 -35.96 -3.90 -41.03
C GLU A 226 -35.33 -5.17 -40.54
N PHE A 227 -36.08 -6.26 -40.47
CA PHE A 227 -35.48 -7.55 -40.06
C PHE A 227 -34.24 -7.92 -40.86
N VAL A 228 -34.28 -7.75 -42.16
CA VAL A 228 -33.10 -8.02 -43.02
C VAL A 228 -31.83 -7.29 -42.59
N GLU A 229 -31.99 -6.02 -42.27
CA GLU A 229 -30.91 -5.17 -41.83
C GLU A 229 -30.47 -5.58 -40.39
N VAL A 230 -31.41 -5.61 -39.46
CA VAL A 230 -31.10 -6.06 -38.13
C VAL A 230 -30.33 -7.37 -38.21
N THR A 231 -30.81 -8.31 -39.03
CA THR A 231 -30.15 -9.59 -39.24
C THR A 231 -28.68 -9.40 -39.63
N LYS A 232 -28.37 -8.41 -40.41
CA LYS A 232 -26.96 -8.10 -40.74
C LYS A 232 -26.16 -7.61 -39.53
N LEU A 233 -26.69 -6.63 -38.82
CA LEU A 233 -26.02 -6.09 -37.64
C LEU A 233 -25.83 -7.16 -36.60
N VAL A 234 -26.77 -8.07 -36.52
CA VAL A 234 -26.76 -9.11 -35.50
C VAL A 234 -25.60 -10.08 -35.76
N THR A 235 -25.40 -10.44 -37.02
CA THR A 235 -24.30 -11.33 -37.43
C THR A 235 -22.98 -10.64 -37.12
N ASP A 236 -22.91 -9.36 -37.34
CA ASP A 236 -21.65 -8.69 -37.09
C ASP A 236 -21.44 -8.52 -35.60
N LEU A 237 -22.50 -8.20 -34.85
CA LEU A 237 -22.36 -7.95 -33.39
C LEU A 237 -22.07 -9.19 -32.62
N THR A 238 -22.63 -10.30 -33.06
CA THR A 238 -22.36 -11.57 -32.44
C THR A 238 -20.94 -12.02 -32.71
N LYS A 239 -20.41 -11.65 -33.87
CA LYS A 239 -19.07 -12.13 -34.11
C LYS A 239 -18.06 -11.33 -33.28
N VAL A 240 -18.28 -10.03 -33.13
CA VAL A 240 -17.43 -9.18 -32.29
C VAL A 240 -17.40 -9.83 -30.91
N HIS A 241 -18.56 -10.12 -30.35
CA HIS A 241 -18.58 -10.65 -28.98
C HIS A 241 -18.08 -12.06 -28.91
N LYS A 242 -18.31 -12.83 -29.95
CA LYS A 242 -17.75 -14.18 -29.89
C LYS A 242 -16.24 -14.07 -29.90
N GLU A 243 -15.69 -13.24 -30.76
CA GLU A 243 -14.27 -13.24 -30.87
C GLU A 243 -13.79 -12.74 -29.55
N CYS A 244 -14.51 -11.78 -29.00
CA CYS A 244 -14.07 -11.10 -27.81
C CYS A 244 -14.03 -11.95 -26.62
N CYS A 245 -15.02 -12.79 -26.47
CA CYS A 245 -15.12 -13.70 -25.34
C CYS A 245 -14.15 -14.83 -25.50
N HIS A 246 -13.71 -15.12 -26.71
CA HIS A 246 -12.82 -16.27 -26.92
C HIS A 246 -11.37 -15.79 -26.85
N GLY A 247 -11.16 -14.52 -26.46
CA GLY A 247 -9.82 -14.00 -26.23
C GLY A 247 -9.06 -13.53 -27.50
N ASP A 248 -9.78 -13.46 -28.63
CA ASP A 248 -9.29 -12.94 -29.93
C ASP A 248 -9.56 -11.44 -30.03
N LEU A 249 -8.80 -10.68 -29.24
CA LEU A 249 -8.99 -9.26 -29.06
C LEU A 249 -8.69 -8.43 -30.27
N LEU A 250 -7.68 -8.82 -31.06
CA LEU A 250 -7.38 -8.06 -32.27
C LEU A 250 -8.53 -8.18 -33.26
N GLU A 251 -9.11 -9.36 -33.37
CA GLU A 251 -10.23 -9.50 -34.27
C GLU A 251 -11.43 -8.75 -33.69
N CYS A 252 -11.64 -8.94 -32.41
CA CYS A 252 -12.65 -8.24 -31.69
C CYS A 252 -12.63 -6.72 -32.00
N ALA A 253 -11.52 -6.05 -31.71
CA ALA A 253 -11.44 -4.60 -31.93
C ALA A 253 -11.71 -4.20 -33.39
N ASP A 254 -11.09 -4.94 -34.28
CA ASP A 254 -11.17 -4.63 -35.68
C ASP A 254 -12.62 -4.69 -36.17
N ASP A 255 -13.32 -5.78 -35.85
CA ASP A 255 -14.63 -5.99 -36.42
C ASP A 255 -15.60 -5.08 -35.78
N ARG A 256 -15.30 -4.67 -34.56
CA ARG A 256 -16.13 -3.73 -33.89
C ARG A 256 -15.99 -2.36 -34.58
N ALA A 257 -14.76 -1.88 -34.78
CA ALA A 257 -14.62 -0.59 -35.50
C ALA A 257 -15.38 -0.66 -36.85
N ASP A 258 -15.19 -1.75 -37.53
CA ASP A 258 -15.87 -1.96 -38.77
C ASP A 258 -17.31 -1.84 -38.58
N LEU A 259 -17.87 -2.42 -37.56
CA LEU A 259 -19.33 -2.40 -37.50
C LEU A 259 -19.83 -0.99 -37.18
N ALA A 260 -19.09 -0.24 -36.39
CA ALA A 260 -19.52 1.12 -36.19
C ALA A 260 -19.47 1.80 -37.53
N LYS A 261 -18.38 1.61 -38.30
CA LYS A 261 -18.30 2.33 -39.58
C LYS A 261 -19.49 1.96 -40.42
N TYR A 262 -19.94 0.71 -40.36
CA TYR A 262 -21.08 0.31 -41.18
C TYR A 262 -22.32 1.00 -40.66
N ILE A 263 -22.44 1.09 -39.35
CA ILE A 263 -23.70 1.56 -38.87
C ILE A 263 -23.83 3.01 -39.34
N CYS A 264 -22.80 3.79 -39.09
CA CYS A 264 -22.84 5.16 -39.48
C CYS A 264 -23.19 5.32 -40.97
N ASP A 265 -22.45 4.66 -41.85
CA ASP A 265 -22.74 4.74 -43.29
C ASP A 265 -24.15 4.29 -43.68
N ASN A 266 -25.01 3.93 -42.71
CA ASN A 266 -26.36 3.47 -43.02
C ASN A 266 -27.46 3.93 -42.04
N GLN A 267 -27.18 5.06 -41.39
CA GLN A 267 -28.17 5.68 -40.52
C GLN A 267 -29.58 5.85 -41.07
N ASP A 268 -29.69 6.29 -42.32
CA ASP A 268 -30.97 6.37 -43.02
C ASP A 268 -31.85 5.07 -42.95
N THR A 269 -31.26 3.89 -42.75
CA THR A 269 -32.03 2.63 -42.70
C THR A 269 -31.98 2.05 -41.29
N ILE A 270 -31.32 2.75 -40.39
CA ILE A 270 -31.12 2.23 -39.07
C ILE A 270 -31.79 3.11 -38.03
N SER A 271 -31.35 4.37 -37.89
CA SER A 271 -31.85 5.19 -36.78
C SER A 271 -31.64 6.63 -37.03
N SER A 272 -32.47 7.49 -36.43
CA SER A 272 -32.29 8.94 -36.58
C SER A 272 -31.41 9.51 -35.45
N LYS A 273 -31.04 8.65 -34.50
CA LYS A 273 -30.31 9.14 -33.31
C LYS A 273 -28.79 9.13 -33.45
N LEU A 274 -28.30 8.75 -34.62
CA LEU A 274 -26.92 8.47 -34.73
C LEU A 274 -26.06 9.58 -35.18
N LYS A 275 -26.64 10.70 -35.60
CA LYS A 275 -25.88 11.87 -36.07
C LYS A 275 -24.76 12.22 -35.13
N GLU A 276 -25.12 12.51 -33.88
CA GLU A 276 -24.14 12.89 -32.86
C GLU A 276 -23.04 11.84 -32.65
N CYS A 277 -23.42 10.57 -32.70
CA CYS A 277 -22.44 9.50 -32.62
C CYS A 277 -21.44 9.47 -33.72
N CYS A 278 -21.98 9.50 -34.93
CA CYS A 278 -21.13 9.32 -36.08
C CYS A 278 -20.09 10.41 -36.32
N ASP A 279 -20.17 11.54 -35.63
CA ASP A 279 -19.14 12.59 -35.74
C ASP A 279 -18.05 12.49 -34.69
N LYS A 280 -17.99 11.36 -34.01
CA LYS A 280 -16.94 11.22 -33.02
C LYS A 280 -15.77 10.37 -33.46
N PRO A 281 -14.62 10.54 -32.79
CA PRO A 281 -13.53 9.63 -33.14
C PRO A 281 -13.81 8.17 -32.77
N LEU A 282 -12.89 7.34 -33.16
CA LEU A 282 -13.11 5.94 -33.29
C LEU A 282 -13.64 5.20 -32.05
N LEU A 283 -12.98 5.39 -30.92
CA LEU A 283 -13.41 4.63 -29.77
C LEU A 283 -14.68 5.19 -29.23
N GLU A 284 -14.80 6.50 -29.35
CA GLU A 284 -15.94 7.17 -28.76
C GLU A 284 -17.17 6.88 -29.59
N LYS A 285 -16.96 6.78 -30.90
CA LYS A 285 -18.05 6.46 -31.81
C LYS A 285 -18.80 5.18 -31.39
N SER A 286 -18.06 4.11 -31.03
CA SER A 286 -18.70 2.81 -30.79
C SER A 286 -19.40 2.84 -29.43
N HIS A 287 -18.81 3.56 -28.48
CA HIS A 287 -19.43 3.65 -27.24
C HIS A 287 -20.77 4.45 -27.38
N CYS A 288 -20.69 5.67 -27.92
CA CYS A 288 -21.87 6.50 -28.13
C CYS A 288 -22.93 5.61 -28.78
N ILE A 289 -22.54 4.88 -29.82
CA ILE A 289 -23.51 4.00 -30.47
C ILE A 289 -24.06 3.04 -29.46
N ALA A 290 -23.18 2.33 -28.73
CA ALA A 290 -23.62 1.37 -27.69
C ALA A 290 -24.63 2.05 -26.74
N GLU A 291 -24.47 3.36 -26.50
CA GLU A 291 -25.36 4.12 -25.59
C GLU A 291 -26.46 4.98 -26.22
N VAL A 292 -26.54 5.02 -27.52
CA VAL A 292 -27.54 5.81 -28.21
C VAL A 292 -29.02 5.58 -27.81
N GLU A 293 -29.83 6.62 -27.93
CA GLU A 293 -31.22 6.54 -27.51
C GLU A 293 -32.04 5.73 -28.46
N LYS A 294 -33.01 5.01 -27.93
CA LYS A 294 -34.01 4.36 -28.77
C LYS A 294 -34.54 5.24 -29.88
N ASP A 295 -34.90 4.60 -30.99
CA ASP A 295 -35.58 5.25 -32.08
C ASP A 295 -37.08 5.07 -31.78
N ALA A 296 -37.94 5.85 -32.42
CA ALA A 296 -39.35 5.82 -32.06
C ALA A 296 -40.02 4.66 -32.75
N ILE A 297 -40.80 3.89 -32.01
CA ILE A 297 -41.54 2.81 -32.62
C ILE A 297 -42.37 3.39 -33.83
N PRO A 298 -42.17 2.81 -35.02
CA PRO A 298 -42.92 3.28 -36.21
C PRO A 298 -44.42 3.08 -36.07
N GLU A 299 -45.21 3.68 -36.97
CA GLU A 299 -46.55 4.00 -36.55
C GLU A 299 -47.59 2.89 -36.68
N ASN A 300 -47.88 2.39 -37.86
CA ASN A 300 -48.95 1.38 -37.94
C ASN A 300 -48.44 -0.06 -38.01
N LEU A 301 -47.93 -0.52 -36.89
CA LEU A 301 -47.50 -1.89 -36.79
C LEU A 301 -48.73 -2.71 -36.49
N PRO A 302 -48.86 -3.84 -37.17
CA PRO A 302 -49.94 -4.82 -36.98
C PRO A 302 -49.87 -5.49 -35.60
N PRO A 303 -50.93 -6.21 -35.17
CA PRO A 303 -50.70 -7.03 -33.94
C PRO A 303 -49.68 -8.11 -34.17
N LEU A 304 -48.99 -8.51 -33.11
CA LEU A 304 -48.05 -9.64 -33.18
C LEU A 304 -48.81 -10.94 -33.30
N THR A 305 -49.97 -10.97 -32.66
CA THR A 305 -50.87 -12.08 -32.80
C THR A 305 -50.93 -12.52 -34.27
N ALA A 306 -50.96 -11.55 -35.21
CA ALA A 306 -50.99 -11.89 -36.65
C ALA A 306 -49.93 -12.89 -37.04
N ASP A 307 -48.67 -12.49 -36.96
CA ASP A 307 -47.69 -13.38 -37.55
C ASP A 307 -47.41 -14.60 -36.71
N PHE A 308 -47.74 -14.54 -35.45
CA PHE A 308 -47.20 -15.52 -34.55
C PHE A 308 -48.27 -16.31 -33.84
N ALA A 309 -49.53 -15.96 -34.01
CA ALA A 309 -50.54 -16.74 -33.36
C ALA A 309 -51.66 -17.05 -34.29
N GLU A 310 -52.08 -16.05 -35.07
CA GLU A 310 -53.29 -16.20 -35.88
C GLU A 310 -52.94 -17.10 -37.05
N ASP A 311 -51.95 -16.68 -37.84
CA ASP A 311 -51.47 -17.38 -39.04
C ASP A 311 -51.45 -18.91 -38.92
N LYS A 312 -52.08 -19.61 -39.85
CA LYS A 312 -52.20 -21.07 -39.75
C LYS A 312 -50.91 -21.79 -40.07
N ASP A 313 -50.00 -21.09 -40.75
CA ASP A 313 -48.70 -21.63 -41.13
C ASP A 313 -47.56 -21.45 -40.11
N VAL A 314 -47.86 -21.17 -38.84
CA VAL A 314 -46.82 -20.97 -37.84
C VAL A 314 -45.87 -22.15 -37.81
N CYS A 315 -46.38 -23.39 -37.78
CA CYS A 315 -45.50 -24.57 -37.60
C CYS A 315 -44.67 -24.87 -38.82
N LYS A 316 -45.27 -24.70 -39.98
CA LYS A 316 -44.52 -24.56 -41.22
C LYS A 316 -43.26 -23.62 -41.15
N ASN A 317 -43.42 -22.34 -40.76
CA ASN A 317 -42.31 -21.36 -40.90
C ASN A 317 -41.19 -21.67 -39.94
N TYR A 318 -41.64 -22.16 -38.78
CA TYR A 318 -40.81 -22.52 -37.64
C TYR A 318 -40.03 -23.82 -37.94
N GLN A 319 -40.72 -24.91 -38.28
CA GLN A 319 -39.95 -26.08 -38.69
C GLN A 319 -38.94 -25.81 -39.80
N GLU A 320 -39.33 -25.00 -40.77
CA GLU A 320 -38.44 -24.62 -41.87
C GLU A 320 -37.12 -23.98 -41.47
N ALA A 321 -37.11 -23.07 -40.49
CA ALA A 321 -35.90 -22.44 -39.92
C ALA A 321 -36.18 -21.96 -38.45
N LYS A 322 -35.79 -22.75 -37.47
CA LYS A 322 -36.25 -22.48 -36.14
C LYS A 322 -35.67 -21.23 -35.61
N ASP A 323 -34.37 -21.15 -35.49
CA ASP A 323 -33.74 -19.95 -34.92
C ASP A 323 -34.01 -18.65 -35.68
N ALA A 324 -34.31 -18.78 -36.97
CA ALA A 324 -34.53 -17.59 -37.77
C ALA A 324 -35.93 -17.03 -37.48
N PHE A 325 -36.92 -17.93 -37.53
CA PHE A 325 -38.26 -17.64 -37.18
C PHE A 325 -38.34 -17.09 -35.76
N LEU A 326 -37.61 -17.73 -34.86
CA LEU A 326 -37.55 -17.26 -33.50
C LEU A 326 -36.85 -15.90 -33.38
N GLY A 327 -35.81 -15.66 -34.16
CA GLY A 327 -35.21 -14.33 -34.22
C GLY A 327 -36.26 -13.32 -34.69
N SER A 328 -37.15 -13.73 -35.61
CA SER A 328 -38.16 -12.80 -36.05
C SER A 328 -39.16 -12.47 -34.98
N PHE A 329 -39.56 -13.47 -34.23
CA PHE A 329 -40.42 -13.22 -33.09
C PHE A 329 -39.74 -12.19 -32.17
N LEU A 330 -38.44 -12.37 -31.97
CA LEU A 330 -37.71 -11.52 -31.04
C LEU A 330 -37.60 -10.06 -31.57
N TYR A 331 -37.41 -9.92 -32.87
CA TYR A 331 -37.33 -8.64 -33.46
C TYR A 331 -38.72 -7.99 -33.32
N GLU A 332 -39.75 -8.74 -33.71
CA GLU A 332 -41.08 -8.19 -33.70
C GLU A 332 -41.49 -7.79 -32.24
N TYR A 333 -41.26 -8.67 -31.29
CA TYR A 333 -41.57 -8.33 -29.92
C TYR A 333 -40.69 -7.22 -29.38
N SER A 334 -39.44 -7.10 -29.83
CA SER A 334 -38.57 -6.21 -29.07
C SER A 334 -38.77 -4.86 -29.56
N ARG A 335 -39.01 -4.77 -30.87
CA ARG A 335 -39.08 -3.45 -31.51
C ARG A 335 -40.23 -2.64 -30.94
N ARG A 336 -41.30 -3.34 -30.51
CA ARG A 336 -42.47 -2.75 -29.86
C ARG A 336 -42.39 -2.60 -28.34
N HIS A 337 -41.36 -3.10 -27.66
CA HIS A 337 -41.33 -2.99 -26.19
C HIS A 337 -39.96 -2.60 -25.70
N PRO A 338 -39.49 -1.43 -26.15
CA PRO A 338 -38.22 -0.81 -25.74
C PRO A 338 -38.07 -0.64 -24.23
N GLU A 339 -39.19 -0.53 -23.50
CA GLU A 339 -39.15 -0.44 -22.06
C GLU A 339 -38.69 -1.76 -21.43
N TYR A 340 -39.05 -2.91 -22.01
CA TYR A 340 -38.71 -4.14 -21.36
C TYR A 340 -37.24 -4.42 -21.15
N ALA A 341 -36.98 -5.23 -20.11
CA ALA A 341 -35.68 -5.85 -19.88
C ALA A 341 -35.39 -6.86 -20.97
N VAL A 342 -34.14 -6.84 -21.42
CA VAL A 342 -33.71 -7.81 -22.34
C VAL A 342 -33.98 -9.20 -21.81
N SER A 343 -33.68 -9.44 -20.51
CA SER A 343 -33.91 -10.78 -19.94
C SER A 343 -35.29 -11.23 -20.11
N VAL A 344 -36.20 -10.25 -20.08
CA VAL A 344 -37.62 -10.52 -20.15
C VAL A 344 -37.92 -10.88 -21.56
N LEU A 345 -37.40 -10.12 -22.52
CA LEU A 345 -37.76 -10.38 -23.93
C LEU A 345 -37.33 -11.79 -24.20
N LEU A 346 -36.09 -12.10 -23.81
CA LEU A 346 -35.59 -13.46 -24.02
C LEU A 346 -36.37 -14.52 -23.31
N ARG A 347 -36.92 -14.18 -22.16
CA ARG A 347 -37.71 -15.11 -21.45
C ARG A 347 -38.97 -15.42 -22.19
N LEU A 348 -39.61 -14.38 -22.72
CA LEU A 348 -40.73 -14.52 -23.66
C LEU A 348 -40.38 -15.36 -24.88
N ALA A 349 -39.30 -15.05 -25.60
CA ALA A 349 -38.93 -15.84 -26.77
C ALA A 349 -38.80 -17.30 -26.37
N LYS A 350 -38.16 -17.60 -25.25
CA LYS A 350 -37.97 -19.01 -24.87
C LYS A 350 -39.26 -19.72 -24.67
N GLU A 351 -40.27 -19.01 -24.24
CA GLU A 351 -41.51 -19.63 -23.83
C GLU A 351 -42.35 -19.90 -25.06
N TYR A 352 -42.35 -18.92 -25.94
CA TYR A 352 -42.93 -19.09 -27.22
C TYR A 352 -42.31 -20.26 -27.95
N GLU A 353 -41.04 -20.54 -27.69
CA GLU A 353 -40.34 -21.68 -28.30
C GLU A 353 -40.90 -22.95 -27.69
N ALA A 354 -40.80 -23.08 -26.38
CA ALA A 354 -41.32 -24.26 -25.69
C ALA A 354 -42.73 -24.58 -26.19
N THR A 355 -43.47 -23.50 -26.46
CA THR A 355 -44.88 -23.58 -26.87
C THR A 355 -45.02 -24.21 -28.22
N LEU A 356 -44.46 -23.61 -29.26
CA LEU A 356 -44.44 -24.30 -30.55
C LEU A 356 -43.86 -25.71 -30.51
N GLU A 357 -42.85 -25.90 -29.68
CA GLU A 357 -42.18 -27.18 -29.58
C GLU A 357 -43.13 -28.32 -29.26
N GLU A 358 -44.05 -28.10 -28.33
CA GLU A 358 -45.03 -29.13 -27.98
C GLU A 358 -46.27 -29.04 -28.86
N CYS A 359 -46.63 -27.82 -29.26
CA CYS A 359 -47.87 -27.65 -29.98
C CYS A 359 -47.79 -28.18 -31.41
N CYS A 360 -46.63 -28.10 -32.06
CA CYS A 360 -46.51 -28.56 -33.47
C CYS A 360 -46.54 -30.10 -33.60
N ALA A 361 -46.51 -30.77 -32.48
CA ALA A 361 -46.47 -32.22 -32.36
C ALA A 361 -47.85 -32.74 -31.92
N LYS A 362 -48.83 -31.84 -31.98
CA LYS A 362 -50.17 -32.05 -31.44
C LYS A 362 -51.11 -31.97 -32.63
N ASP A 363 -52.35 -32.43 -32.46
CA ASP A 363 -53.26 -32.68 -33.60
C ASP A 363 -53.85 -31.49 -34.36
N ASP A 364 -54.22 -30.41 -33.66
CA ASP A 364 -54.46 -29.09 -34.33
C ASP A 364 -53.62 -28.01 -33.62
N PRO A 365 -52.38 -27.88 -34.07
CA PRO A 365 -51.46 -26.91 -33.54
C PRO A 365 -52.18 -25.57 -33.21
N HIS A 366 -52.91 -25.01 -34.19
CA HIS A 366 -53.58 -23.70 -34.04
C HIS A 366 -54.45 -23.52 -32.76
N ALA A 367 -55.18 -24.55 -32.32
CA ALA A 367 -56.01 -24.43 -31.12
C ALA A 367 -55.10 -24.30 -29.91
N CYS A 368 -54.06 -25.14 -29.90
CA CYS A 368 -53.00 -25.09 -28.91
C CYS A 368 -52.29 -23.70 -28.86
N TYR A 369 -51.75 -23.21 -29.99
CA TYR A 369 -50.90 -21.99 -29.93
C TYR A 369 -51.57 -20.66 -30.12
N SER A 370 -52.77 -20.62 -30.68
CA SER A 370 -53.51 -19.36 -30.84
C SER A 370 -53.61 -18.56 -29.51
N THR A 371 -53.62 -19.30 -28.39
CA THR A 371 -53.81 -18.79 -27.01
C THR A 371 -52.51 -18.32 -26.29
N VAL A 372 -51.41 -18.22 -27.02
CA VAL A 372 -50.12 -18.17 -26.34
C VAL A 372 -49.82 -16.78 -25.74
N PHE A 373 -50.25 -15.74 -26.40
CA PHE A 373 -49.95 -14.42 -25.92
C PHE A 373 -50.48 -14.11 -24.54
N ASP A 374 -51.61 -14.70 -24.18
CA ASP A 374 -52.11 -14.57 -22.80
C ASP A 374 -51.12 -15.15 -21.78
N LYS A 375 -50.53 -16.29 -22.13
CA LYS A 375 -49.53 -16.91 -21.32
C LYS A 375 -48.32 -16.00 -21.20
N LEU A 376 -48.02 -15.30 -22.29
CA LEU A 376 -46.91 -14.36 -22.27
C LEU A 376 -47.28 -13.14 -21.46
N LYS A 377 -48.48 -12.57 -21.67
CA LYS A 377 -48.97 -11.53 -20.74
C LYS A 377 -48.81 -11.96 -19.30
N HIS A 378 -49.17 -13.21 -19.00
CA HIS A 378 -49.02 -13.65 -17.63
C HIS A 378 -47.57 -13.61 -17.13
N LEU A 379 -46.60 -13.84 -18.01
CA LEU A 379 -45.21 -13.91 -17.58
C LEU A 379 -44.67 -12.54 -17.29
N VAL A 380 -44.84 -11.62 -18.21
CA VAL A 380 -44.44 -10.24 -17.92
C VAL A 380 -45.04 -9.70 -16.61
N ASP A 381 -46.25 -10.08 -16.25
CA ASP A 381 -46.86 -9.52 -15.01
C ASP A 381 -46.40 -10.20 -13.71
N GLU A 382 -46.09 -11.50 -13.79
CA GLU A 382 -45.64 -12.34 -12.66
C GLU A 382 -44.71 -11.67 -11.63
N PRO A 383 -43.66 -10.97 -12.09
CA PRO A 383 -42.73 -10.60 -11.03
C PRO A 383 -43.04 -9.30 -10.32
N GLN A 384 -44.12 -8.64 -10.67
CA GLN A 384 -44.32 -7.29 -10.13
C GLN A 384 -44.39 -7.12 -8.57
N ASN A 385 -44.93 -8.11 -7.87
CA ASN A 385 -45.09 -8.06 -6.42
C ASN A 385 -43.76 -8.16 -5.61
N LEU A 386 -42.82 -8.96 -6.14
CA LEU A 386 -41.46 -9.07 -5.58
C LEU A 386 -40.84 -7.70 -5.49
N ILE A 387 -40.95 -6.97 -6.58
CA ILE A 387 -40.39 -5.64 -6.64
C ILE A 387 -40.87 -4.81 -5.49
N LYS A 388 -42.20 -4.71 -5.40
CA LYS A 388 -42.80 -3.95 -4.33
C LYS A 388 -42.18 -4.43 -3.00
N GLN A 389 -42.26 -5.74 -2.73
CA GLN A 389 -41.80 -6.19 -1.43
C GLN A 389 -40.36 -5.70 -1.22
N ASN A 390 -39.47 -6.06 -2.14
CA ASN A 390 -38.09 -5.65 -2.11
C ASN A 390 -37.81 -4.15 -2.04
N CYS A 391 -38.42 -3.33 -2.87
CA CYS A 391 -38.34 -1.87 -2.62
C CYS A 391 -38.80 -1.29 -1.23
N ASP A 392 -39.85 -1.83 -0.64
CA ASP A 392 -40.33 -1.32 0.67
C ASP A 392 -39.28 -1.62 1.73
N GLN A 393 -38.74 -2.82 1.60
CA GLN A 393 -37.74 -3.31 2.48
C GLN A 393 -36.46 -2.47 2.32
N PHE A 394 -36.09 -2.17 1.08
CA PHE A 394 -34.96 -1.30 0.83
C PHE A 394 -35.19 0.07 1.47
N GLU A 395 -36.41 0.62 1.33
CA GLU A 395 -36.63 2.01 1.81
C GLU A 395 -36.60 2.07 3.28
N LYS A 396 -37.20 1.06 3.89
CA LYS A 396 -37.20 0.96 5.33
C LYS A 396 -35.75 0.83 5.92
N LEU A 397 -34.94 -0.04 5.31
CA LEU A 397 -33.66 -0.42 5.90
C LEU A 397 -32.46 0.44 5.45
N GLY A 398 -32.58 1.15 4.32
CA GLY A 398 -31.44 1.80 3.70
C GLY A 398 -30.58 0.71 3.04
N GLU A 399 -29.59 1.14 2.25
CA GLU A 399 -28.80 0.23 1.42
C GLU A 399 -28.10 -0.79 2.29
N TYR A 400 -27.26 -0.32 3.18
CA TYR A 400 -26.54 -1.22 4.03
C TYR A 400 -27.43 -2.21 4.85
N GLY A 401 -28.45 -1.78 5.56
CA GLY A 401 -29.37 -2.75 6.19
C GLY A 401 -29.94 -3.78 5.18
N PHE A 402 -30.15 -3.36 3.92
CA PHE A 402 -30.80 -4.21 2.93
C PHE A 402 -29.79 -5.29 2.52
N GLN A 403 -28.54 -4.88 2.37
CA GLN A 403 -27.44 -5.82 2.11
C GLN A 403 -27.52 -6.89 3.22
N ASN A 404 -27.78 -6.45 4.46
CA ASN A 404 -27.87 -7.40 5.56
C ASN A 404 -29.08 -8.32 5.44
N ALA A 405 -30.23 -7.77 5.14
CA ALA A 405 -31.34 -8.67 4.92
C ALA A 405 -31.08 -9.72 3.79
N LEU A 406 -30.48 -9.27 2.69
CA LEU A 406 -30.12 -10.20 1.63
C LEU A 406 -29.02 -11.18 2.07
N ILE A 407 -28.10 -10.75 2.90
CA ILE A 407 -27.18 -11.72 3.40
C ILE A 407 -27.93 -12.87 4.15
N VAL A 408 -28.84 -12.49 5.03
CA VAL A 408 -29.54 -13.51 5.74
C VAL A 408 -30.35 -14.34 4.79
N ARG A 409 -30.97 -13.67 3.82
CA ARG A 409 -31.89 -14.37 2.97
C ARG A 409 -31.15 -15.44 2.13
N TYR A 410 -30.04 -15.03 1.53
CA TYR A 410 -29.31 -15.95 0.70
C TYR A 410 -28.63 -17.01 1.50
N THR A 411 -28.23 -16.67 2.72
CA THR A 411 -27.45 -17.65 3.46
C THR A 411 -28.32 -18.81 3.86
N ARG A 412 -29.59 -18.51 4.10
CA ARG A 412 -30.55 -19.57 4.39
C ARG A 412 -30.88 -20.42 3.18
N LYS A 413 -31.05 -19.84 2.00
CA LYS A 413 -31.27 -20.67 0.83
C LYS A 413 -30.03 -21.31 0.31
N VAL A 414 -28.89 -20.63 0.29
CA VAL A 414 -27.73 -21.40 -0.23
C VAL A 414 -26.54 -21.44 0.69
N PRO A 415 -26.76 -21.99 1.90
CA PRO A 415 -25.74 -21.92 2.90
C PRO A 415 -24.51 -22.69 2.52
N GLN A 416 -24.55 -23.60 1.56
CA GLN A 416 -23.26 -24.22 1.20
C GLN A 416 -22.35 -23.31 0.39
N VAL A 417 -22.90 -22.20 -0.12
CA VAL A 417 -22.08 -21.28 -0.90
C VAL A 417 -20.93 -20.73 -0.06
N SER A 418 -19.77 -20.46 -0.64
CA SER A 418 -18.67 -20.05 0.26
C SER A 418 -19.00 -18.64 0.78
N THR A 419 -18.44 -18.27 1.92
CA THR A 419 -18.81 -17.01 2.53
C THR A 419 -18.40 -15.75 1.77
N PRO A 420 -17.13 -15.72 1.28
CA PRO A 420 -16.72 -14.57 0.35
C PRO A 420 -17.73 -14.26 -0.76
N THR A 421 -18.32 -15.33 -1.30
CA THR A 421 -19.24 -15.22 -2.42
C THR A 421 -20.58 -14.77 -1.94
N LEU A 422 -21.03 -15.37 -0.86
CA LEU A 422 -22.28 -14.89 -0.29
C LEU A 422 -22.20 -13.39 0.10
N VAL A 423 -21.09 -12.91 0.62
CA VAL A 423 -21.01 -11.49 1.00
C VAL A 423 -20.94 -10.64 -0.27
N GLU A 424 -20.08 -11.01 -1.19
CA GLU A 424 -19.95 -10.17 -2.37
C GLU A 424 -21.28 -10.00 -3.04
N VAL A 425 -21.99 -11.09 -3.22
CA VAL A 425 -23.21 -11.11 -4.01
C VAL A 425 -24.40 -10.40 -3.38
N SER A 426 -24.53 -10.60 -2.08
CA SER A 426 -25.54 -9.94 -1.32
C SER A 426 -25.22 -8.49 -1.29
N ARG A 427 -23.95 -8.11 -1.22
CA ARG A 427 -23.67 -6.61 -1.29
C ARG A 427 -24.15 -5.99 -2.61
N SER A 428 -23.81 -6.68 -3.71
CA SER A 428 -24.30 -6.24 -5.02
C SER A 428 -25.76 -6.34 -5.03
N LEU A 429 -26.38 -7.35 -4.42
CA LEU A 429 -27.82 -7.43 -4.64
C LEU A 429 -28.50 -6.23 -4.04
N GLY A 430 -28.05 -5.78 -2.88
CA GLY A 430 -28.69 -4.67 -2.24
C GLY A 430 -28.34 -3.35 -2.89
N LYS A 431 -27.25 -3.30 -3.67
CA LYS A 431 -27.03 -2.09 -4.48
C LYS A 431 -28.07 -1.95 -5.58
N VAL A 432 -28.76 -3.04 -5.95
CA VAL A 432 -29.92 -2.96 -6.82
C VAL A 432 -31.03 -2.09 -6.23
N GLY A 433 -31.08 -1.97 -4.92
CA GLY A 433 -32.18 -1.23 -4.33
C GLY A 433 -32.00 0.20 -4.74
N THR A 434 -30.79 0.73 -4.52
CA THR A 434 -30.42 2.08 -4.94
C THR A 434 -30.56 2.36 -6.43
N ARG A 435 -30.26 1.34 -7.25
CA ARG A 435 -30.22 1.52 -8.70
C ARG A 435 -31.63 1.66 -9.19
N CYS A 436 -32.53 0.90 -8.59
CA CYS A 436 -33.78 0.69 -9.24
C CYS A 436 -34.98 1.22 -8.48
N CYS A 437 -34.87 1.39 -7.15
CA CYS A 437 -36.05 1.70 -6.36
C CYS A 437 -36.49 3.15 -6.42
N THR A 438 -35.56 4.06 -6.70
CA THR A 438 -35.93 5.49 -6.85
C THR A 438 -36.53 5.88 -8.21
N LYS A 439 -36.40 4.97 -9.19
CA LYS A 439 -37.03 5.06 -10.51
C LYS A 439 -38.57 5.02 -10.45
N PRO A 440 -39.26 5.70 -11.41
CA PRO A 440 -40.74 5.70 -11.50
C PRO A 440 -41.27 4.29 -11.59
N GLU A 441 -42.33 3.98 -10.88
CA GLU A 441 -42.75 2.59 -10.78
C GLU A 441 -42.68 1.78 -12.11
N SER A 442 -43.26 2.27 -13.21
CA SER A 442 -43.25 1.55 -14.50
C SER A 442 -41.88 1.01 -14.83
N GLU A 443 -40.84 1.76 -14.42
CA GLU A 443 -39.44 1.47 -14.78
C GLU A 443 -38.72 0.48 -13.89
N ARG A 444 -39.30 0.20 -12.72
CA ARG A 444 -38.63 -0.61 -11.76
C ARG A 444 -38.37 -2.05 -12.17
N MET A 445 -39.40 -2.75 -12.65
CA MET A 445 -39.30 -4.18 -12.95
C MET A 445 -38.23 -4.34 -14.02
N PRO A 446 -38.28 -3.51 -15.07
CA PRO A 446 -37.22 -3.73 -16.09
C PRO A 446 -35.84 -3.55 -15.52
N CYS A 447 -35.65 -2.47 -14.79
CA CYS A 447 -34.35 -2.16 -14.21
C CYS A 447 -33.75 -3.32 -13.36
N THR A 448 -34.58 -3.77 -12.46
CA THR A 448 -34.25 -4.83 -11.61
C THR A 448 -33.98 -6.11 -12.36
N GLU A 449 -34.84 -6.47 -13.28
CA GLU A 449 -34.67 -7.75 -13.95
C GLU A 449 -33.31 -7.84 -14.57
N ASP A 450 -32.84 -6.79 -15.25
CA ASP A 450 -31.53 -6.81 -15.92
C ASP A 450 -30.36 -6.75 -14.99
N TYR A 451 -30.43 -5.99 -13.90
CA TYR A 451 -29.35 -6.01 -12.86
C TYR A 451 -29.23 -7.35 -12.10
N LEU A 452 -30.34 -7.96 -11.80
CA LEU A 452 -30.26 -9.17 -11.09
C LEU A 452 -29.65 -10.23 -11.98
N SER A 453 -29.87 -10.12 -13.31
CA SER A 453 -29.17 -11.04 -14.23
C SER A 453 -27.69 -10.83 -14.18
N LEU A 454 -27.27 -9.58 -14.20
CA LEU A 454 -25.83 -9.32 -14.13
C LEU A 454 -25.30 -9.93 -12.85
N ILE A 455 -25.97 -9.65 -11.74
CA ILE A 455 -25.51 -10.15 -10.47
C ILE A 455 -25.65 -11.66 -10.20
N LEU A 456 -26.84 -12.21 -10.39
CA LEU A 456 -26.96 -13.66 -10.36
C LEU A 456 -25.93 -14.34 -11.26
N ASN A 457 -25.52 -13.70 -12.37
CA ASN A 457 -24.43 -14.37 -13.22
C ASN A 457 -23.12 -14.49 -12.49
N ARG A 458 -22.85 -13.51 -11.65
CA ARG A 458 -21.60 -13.41 -10.92
C ARG A 458 -21.60 -14.51 -9.94
N LEU A 459 -22.76 -14.75 -9.32
CA LEU A 459 -22.86 -15.89 -8.35
C LEU A 459 -22.55 -17.20 -9.10
N CYS A 460 -23.28 -17.42 -10.20
CA CYS A 460 -23.13 -18.64 -10.98
C CYS A 460 -21.65 -18.81 -11.35
N VAL A 461 -21.03 -17.72 -11.79
CA VAL A 461 -19.67 -17.83 -12.26
C VAL A 461 -18.69 -18.07 -11.13
N LEU A 462 -18.91 -17.45 -9.97
CA LEU A 462 -18.08 -17.66 -8.76
C LEU A 462 -18.28 -19.04 -8.24
N HIS A 463 -19.51 -19.50 -8.29
CA HIS A 463 -19.73 -20.79 -7.76
C HIS A 463 -19.25 -21.93 -8.65
N GLU A 464 -19.43 -21.82 -9.96
CA GLU A 464 -19.04 -22.90 -10.81
C GLU A 464 -17.52 -23.15 -10.77
N LYS A 465 -16.76 -22.20 -10.23
CA LYS A 465 -15.33 -22.40 -10.12
C LYS A 465 -15.14 -23.67 -9.25
N THR A 466 -15.48 -23.55 -7.98
CA THR A 466 -15.39 -24.69 -7.07
C THR A 466 -16.79 -25.00 -6.57
N PRO A 467 -17.49 -25.93 -7.23
CA PRO A 467 -18.94 -26.12 -6.92
C PRO A 467 -19.24 -26.90 -5.65
N VAL A 468 -20.16 -26.34 -4.85
CA VAL A 468 -20.47 -26.85 -3.50
C VAL A 468 -21.96 -27.00 -3.22
N SER A 469 -22.79 -26.16 -3.84
CA SER A 469 -24.20 -26.18 -3.64
C SER A 469 -24.97 -26.63 -4.88
N GLU A 470 -25.70 -27.73 -4.77
CA GLU A 470 -26.39 -28.36 -5.94
C GLU A 470 -27.49 -27.46 -6.51
N LYS A 471 -28.12 -26.68 -5.63
CA LYS A 471 -29.19 -25.79 -6.00
C LYS A 471 -28.71 -24.66 -6.92
N VAL A 472 -27.53 -24.15 -6.59
CA VAL A 472 -26.98 -23.12 -7.38
C VAL A 472 -26.60 -23.68 -8.75
N THR A 473 -25.99 -24.84 -8.71
CA THR A 473 -25.61 -25.44 -9.98
C THR A 473 -26.84 -25.59 -10.84
N LYS A 474 -27.93 -26.06 -10.25
CA LYS A 474 -29.17 -26.29 -10.97
C LYS A 474 -29.60 -24.94 -11.57
N CYS A 475 -29.80 -23.90 -10.74
CA CYS A 475 -30.26 -22.62 -11.27
C CYS A 475 -29.33 -22.04 -12.33
N CYS A 476 -28.04 -22.17 -12.11
CA CYS A 476 -27.10 -21.67 -13.05
C CYS A 476 -27.13 -22.43 -14.39
N THR A 477 -27.41 -23.74 -14.39
CA THR A 477 -27.32 -24.44 -15.69
C THR A 477 -28.61 -24.64 -16.44
N GLU A 478 -29.72 -24.65 -15.71
CA GLU A 478 -31.05 -24.67 -16.27
C GLU A 478 -31.30 -23.55 -17.21
N SER A 479 -30.86 -22.35 -16.93
CA SER A 479 -31.12 -21.30 -17.86
C SER A 479 -30.27 -20.13 -17.60
N LEU A 480 -30.29 -19.20 -18.52
CA LEU A 480 -29.82 -17.85 -18.17
C LEU A 480 -31.04 -16.99 -17.70
N VAL A 481 -32.12 -17.15 -18.41
CA VAL A 481 -33.13 -16.16 -18.51
C VAL A 481 -34.20 -16.38 -17.43
N ASN A 482 -34.20 -17.57 -16.82
CA ASN A 482 -35.06 -17.85 -15.68
C ASN A 482 -34.33 -17.95 -14.33
N ARG A 483 -33.09 -17.47 -14.32
CA ARG A 483 -32.27 -17.59 -13.08
C ARG A 483 -32.88 -16.80 -11.98
N ARG A 484 -33.47 -15.65 -12.33
CA ARG A 484 -33.96 -14.79 -11.28
C ARG A 484 -35.19 -15.43 -10.63
N PRO A 485 -36.23 -15.81 -11.40
CA PRO A 485 -37.32 -16.70 -10.89
C PRO A 485 -36.80 -17.88 -10.12
N CYS A 486 -35.82 -18.57 -10.69
CA CYS A 486 -35.30 -19.80 -10.12
C CYS A 486 -34.64 -19.50 -8.79
N PHE A 487 -33.88 -18.43 -8.68
CA PHE A 487 -33.31 -18.15 -7.35
C PHE A 487 -34.34 -17.69 -6.39
N SER A 488 -35.28 -16.85 -6.85
CA SER A 488 -36.40 -16.38 -6.06
C SER A 488 -37.31 -17.48 -5.63
N ALA A 489 -37.36 -18.58 -6.35
CA ALA A 489 -38.21 -19.61 -5.85
C ALA A 489 -37.51 -20.49 -4.83
N LEU A 490 -36.24 -20.29 -4.51
CA LEU A 490 -35.66 -21.19 -3.49
C LEU A 490 -36.06 -20.78 -2.10
N THR A 491 -35.94 -21.75 -1.19
CA THR A 491 -36.31 -21.58 0.21
C THR A 491 -35.25 -22.23 1.05
N PRO A 492 -35.25 -21.92 2.37
CA PRO A 492 -34.22 -22.56 3.21
C PRO A 492 -34.43 -24.07 3.14
N ASP A 493 -33.43 -24.89 3.45
CA ASP A 493 -33.67 -26.36 3.39
C ASP A 493 -33.37 -27.14 4.67
N GLU A 494 -33.88 -28.37 4.76
CA GLU A 494 -33.74 -29.16 5.99
C GLU A 494 -32.56 -30.12 5.95
N THR A 495 -31.98 -30.28 4.75
CA THR A 495 -30.86 -31.21 4.53
C THR A 495 -29.62 -30.68 5.19
N TYR A 496 -29.50 -29.36 5.19
CA TYR A 496 -28.38 -28.66 5.75
C TYR A 496 -28.16 -28.86 7.25
N VAL A 497 -27.17 -29.70 7.60
CA VAL A 497 -26.54 -29.72 8.93
C VAL A 497 -25.84 -28.39 9.27
N PRO A 498 -26.11 -27.83 10.44
CA PRO A 498 -25.45 -26.52 10.81
C PRO A 498 -23.95 -26.62 10.88
N LYS A 499 -23.28 -25.56 10.51
CA LYS A 499 -21.85 -25.50 10.69
C LYS A 499 -21.51 -25.50 12.22
N ALA A 500 -20.61 -26.40 12.62
CA ALA A 500 -20.01 -26.39 13.97
C ALA A 500 -19.49 -25.03 14.32
N PHE A 501 -19.67 -24.66 15.58
CA PHE A 501 -19.22 -23.37 16.08
C PHE A 501 -17.73 -23.24 15.85
N ASP A 502 -17.27 -22.09 15.34
CA ASP A 502 -15.84 -21.85 15.17
C ASP A 502 -15.45 -20.45 15.66
N GLU A 503 -14.92 -20.39 16.87
CA GLU A 503 -14.89 -19.13 17.57
C GLU A 503 -14.05 -18.06 16.93
N LYS A 504 -13.00 -18.52 16.28
CA LYS A 504 -12.13 -17.72 15.48
C LYS A 504 -12.89 -16.80 14.52
N LEU A 505 -13.94 -17.29 13.90
CA LEU A 505 -14.75 -16.47 13.03
C LEU A 505 -15.55 -15.40 13.78
N PHE A 506 -15.51 -15.32 15.11
CA PHE A 506 -16.38 -14.37 15.71
C PHE A 506 -15.58 -13.58 16.67
N THR A 507 -14.30 -13.42 16.41
CA THR A 507 -13.51 -12.61 17.32
C THR A 507 -13.20 -11.33 16.63
N PHE A 508 -13.04 -10.27 17.39
CA PHE A 508 -12.83 -8.98 16.79
C PHE A 508 -11.72 -8.36 17.53
N HIS A 509 -10.88 -7.67 16.78
CA HIS A 509 -9.75 -6.97 17.35
C HIS A 509 -9.90 -5.47 17.06
N ALA A 510 -8.99 -4.68 17.58
CA ALA A 510 -9.04 -3.25 17.44
C ALA A 510 -8.86 -2.79 16.00
N ASP A 511 -8.32 -3.66 15.18
CA ASP A 511 -8.11 -3.34 13.81
C ASP A 511 -9.46 -2.89 13.27
N ILE A 512 -10.53 -3.49 13.80
CA ILE A 512 -11.81 -3.25 13.21
C ILE A 512 -12.09 -1.76 13.16
N CYS A 513 -11.47 -0.99 14.06
CA CYS A 513 -11.73 0.44 14.11
C CYS A 513 -11.02 1.23 13.04
N THR A 514 -10.13 0.61 12.33
CA THR A 514 -9.09 1.26 11.59
C THR A 514 -9.40 1.03 10.11
N LEU A 515 -10.07 -0.05 9.77
CA LEU A 515 -10.30 -0.42 8.39
C LEU A 515 -10.95 0.65 7.48
N PRO A 516 -10.60 0.64 6.19
CA PRO A 516 -11.43 1.54 5.34
C PRO A 516 -12.90 1.09 5.45
N ASP A 517 -13.84 2.02 5.38
CA ASP A 517 -15.27 1.73 5.54
C ASP A 517 -15.92 0.46 4.89
N THR A 518 -15.72 0.36 3.58
CA THR A 518 -15.97 -0.87 2.85
C THR A 518 -15.49 -2.13 3.52
N GLU A 519 -14.22 -2.13 3.92
CA GLU A 519 -13.55 -3.33 4.44
C GLU A 519 -14.09 -3.69 5.85
N LYS A 520 -14.65 -2.67 6.47
CA LYS A 520 -15.24 -2.73 7.79
C LYS A 520 -16.61 -3.34 7.66
N GLN A 521 -17.33 -2.99 6.60
CA GLN A 521 -18.65 -3.58 6.33
C GLN A 521 -18.59 -5.05 5.97
N ILE A 522 -17.56 -5.37 5.19
CA ILE A 522 -17.32 -6.71 4.69
C ILE A 522 -16.93 -7.59 5.85
N LYS A 523 -16.20 -7.06 6.81
CA LYS A 523 -15.74 -7.90 7.90
C LYS A 523 -16.97 -8.20 8.74
N LYS A 524 -17.87 -7.24 8.92
CA LYS A 524 -19.08 -7.58 9.71
C LYS A 524 -20.06 -8.43 8.95
N GLN A 525 -20.17 -8.18 7.65
CA GLN A 525 -21.12 -8.99 6.88
C GLN A 525 -20.60 -10.43 6.75
N THR A 526 -19.29 -10.58 6.71
CA THR A 526 -18.75 -11.94 6.81
C THR A 526 -19.16 -12.66 8.13
N ALA A 527 -19.07 -11.95 9.26
CA ALA A 527 -19.44 -12.58 10.53
C ALA A 527 -20.92 -12.98 10.48
N LEU A 528 -21.70 -12.12 9.84
CA LEU A 528 -23.09 -12.31 9.79
C LEU A 528 -23.38 -13.55 9.03
N VAL A 529 -22.75 -13.73 7.87
CA VAL A 529 -22.88 -14.99 7.11
C VAL A 529 -22.53 -16.19 7.96
N GLU A 530 -21.34 -16.15 8.55
CA GLU A 530 -20.95 -17.30 9.32
C GLU A 530 -21.99 -17.58 10.41
N LEU A 531 -22.61 -16.51 10.91
CA LEU A 531 -23.59 -16.74 11.98
C LEU A 531 -24.81 -17.50 11.49
N LEU A 532 -25.30 -17.05 10.35
CA LEU A 532 -26.40 -17.78 9.78
C LEU A 532 -26.04 -19.24 9.36
N LYS A 533 -24.78 -19.55 9.00
CA LYS A 533 -24.41 -20.92 8.63
C LYS A 533 -24.41 -21.81 9.84
N HIS A 534 -24.21 -21.20 11.00
CA HIS A 534 -24.07 -21.95 12.23
C HIS A 534 -25.45 -22.04 12.82
N LYS A 535 -26.21 -20.93 12.72
CA LYS A 535 -27.53 -20.85 13.31
C LYS A 535 -28.63 -20.60 12.29
N PRO A 536 -28.84 -21.56 11.42
CA PRO A 536 -29.66 -21.26 10.25
C PRO A 536 -31.12 -20.99 10.56
N LYS A 537 -31.50 -21.26 11.77
CA LYS A 537 -32.85 -20.99 12.19
C LYS A 537 -32.98 -19.69 12.97
N ALA A 538 -31.88 -19.00 13.23
CA ALA A 538 -31.98 -17.77 14.01
C ALA A 538 -33.17 -16.99 13.43
N THR A 539 -34.01 -16.44 14.28
CA THR A 539 -35.17 -15.63 13.83
C THR A 539 -34.74 -14.20 13.60
N GLU A 540 -35.52 -13.43 12.86
CA GLU A 540 -35.22 -11.99 12.62
C GLU A 540 -35.14 -11.08 13.89
N GLU A 541 -36.01 -11.28 14.89
CA GLU A 541 -35.93 -10.40 16.09
C GLU A 541 -34.66 -10.70 16.83
N GLN A 542 -34.27 -11.96 16.91
CA GLN A 542 -33.02 -12.25 17.58
C GLN A 542 -31.83 -11.63 16.89
N LEU A 543 -31.79 -11.79 15.57
CA LEU A 543 -30.72 -11.23 14.80
C LEU A 543 -30.69 -9.75 14.95
N LYS A 544 -31.85 -9.12 15.11
CA LYS A 544 -31.88 -7.69 15.43
C LYS A 544 -31.13 -7.44 16.79
N THR A 545 -31.43 -8.25 17.78
CA THR A 545 -30.72 -8.17 19.06
C THR A 545 -29.17 -8.36 18.90
N VAL A 546 -28.78 -9.44 18.19
CA VAL A 546 -27.36 -9.74 17.97
C VAL A 546 -26.71 -8.54 17.26
N MET A 547 -27.45 -7.94 16.33
CA MET A 547 -26.95 -6.80 15.55
C MET A 547 -26.88 -5.49 16.39
N GLU A 548 -27.90 -5.16 17.19
CA GLU A 548 -27.72 -3.99 18.07
C GLU A 548 -26.56 -4.22 19.04
N ASN A 549 -26.58 -5.38 19.71
CA ASN A 549 -25.58 -5.72 20.69
C ASN A 549 -24.18 -5.62 20.12
N PHE A 550 -24.03 -6.08 18.89
CA PHE A 550 -22.77 -5.94 18.26
C PHE A 550 -22.32 -4.48 18.06
N VAL A 551 -23.19 -3.64 17.51
CA VAL A 551 -22.84 -2.22 17.29
C VAL A 551 -22.53 -1.55 18.63
N ALA A 552 -23.33 -1.83 19.66
CA ALA A 552 -22.97 -1.28 20.95
C ALA A 552 -21.54 -1.71 21.33
N PHE A 553 -21.18 -2.96 21.02
CA PHE A 553 -19.87 -3.48 21.43
C PHE A 553 -18.72 -2.77 20.70
N VAL A 554 -18.85 -2.64 19.39
CA VAL A 554 -17.77 -2.01 18.64
C VAL A 554 -17.67 -0.56 19.08
N ASP A 555 -18.81 0.06 19.30
CA ASP A 555 -18.81 1.44 19.63
C ASP A 555 -18.18 1.69 20.95
N LYS A 556 -18.49 0.85 21.93
CA LYS A 556 -17.88 0.99 23.24
C LYS A 556 -16.35 0.84 23.08
N CYS A 557 -15.95 -0.22 22.40
CA CYS A 557 -14.55 -0.57 22.36
C CYS A 557 -13.71 0.36 21.51
N CYS A 558 -14.27 0.82 20.37
CA CYS A 558 -13.50 1.76 19.59
C CYS A 558 -13.39 3.11 20.30
N ALA A 559 -14.25 3.36 21.29
CA ALA A 559 -14.17 4.58 22.11
C ALA A 559 -13.20 4.48 23.31
N ALA A 560 -13.00 3.28 23.81
CA ALA A 560 -12.12 3.09 24.99
C ALA A 560 -10.67 3.63 24.87
N ASP A 561 -10.10 3.98 26.01
CA ASP A 561 -8.69 4.34 26.08
C ASP A 561 -7.77 3.23 25.58
N ASP A 562 -7.97 2.01 26.07
CA ASP A 562 -7.18 0.84 25.64
C ASP A 562 -8.12 -0.12 24.90
N LYS A 563 -8.07 -0.09 23.59
CA LYS A 563 -9.14 -0.69 22.77
C LYS A 563 -8.99 -2.19 22.74
N GLU A 564 -7.76 -2.62 22.51
CA GLU A 564 -7.39 -4.02 22.67
C GLU A 564 -7.98 -4.65 23.93
N ALA A 565 -7.74 -4.04 25.10
CA ALA A 565 -8.18 -4.57 26.40
C ALA A 565 -9.67 -4.73 26.43
N CYS A 566 -10.38 -3.73 25.92
CA CYS A 566 -11.82 -3.76 25.89
C CYS A 566 -12.24 -4.88 24.93
N PHE A 567 -11.63 -4.99 23.77
CA PHE A 567 -12.05 -6.10 22.85
C PHE A 567 -11.85 -7.48 23.46
N ALA A 568 -10.70 -7.63 24.10
CA ALA A 568 -10.26 -8.87 24.75
C ALA A 568 -11.33 -9.28 25.75
N VAL A 569 -11.90 -8.26 26.40
CA VAL A 569 -12.84 -8.51 27.47
C VAL A 569 -14.29 -8.54 27.00
N GLU A 570 -14.69 -7.60 26.16
CA GLU A 570 -16.08 -7.51 25.77
C GLU A 570 -16.41 -8.56 24.76
N GLY A 571 -15.37 -8.92 24.00
CA GLY A 571 -15.45 -9.95 23.00
C GLY A 571 -16.14 -11.19 23.46
N PRO A 572 -15.54 -11.87 24.43
CA PRO A 572 -16.15 -13.13 24.84
C PRO A 572 -17.54 -12.92 25.46
N LYS A 573 -17.73 -11.81 26.15
CA LYS A 573 -19.11 -11.52 26.65
C LYS A 573 -20.13 -11.61 25.50
N LEU A 574 -19.73 -11.12 24.35
CA LEU A 574 -20.64 -11.03 23.25
C LEU A 574 -20.91 -12.40 22.66
N VAL A 575 -19.88 -13.28 22.61
CA VAL A 575 -20.08 -14.62 22.14
C VAL A 575 -21.05 -15.33 23.05
N VAL A 576 -20.85 -15.13 24.36
CA VAL A 576 -21.69 -15.77 25.35
C VAL A 576 -23.14 -15.36 25.23
N SER A 577 -23.44 -14.06 25.15
CA SER A 577 -24.89 -13.75 25.00
C SER A 577 -25.43 -14.25 23.71
N THR A 578 -24.58 -14.32 22.72
CA THR A 578 -25.11 -14.58 21.44
C THR A 578 -25.35 -16.06 21.43
N GLN A 579 -24.40 -16.80 22.00
CA GLN A 579 -24.65 -18.24 22.09
C GLN A 579 -25.85 -18.49 22.93
N THR A 580 -26.04 -17.68 23.98
CA THR A 580 -27.21 -17.86 24.81
C THR A 580 -28.52 -17.60 24.07
N ALA A 581 -28.58 -16.47 23.35
CA ALA A 581 -29.83 -16.06 22.73
C ALA A 581 -30.26 -17.01 21.64
N LEU A 582 -29.32 -17.64 20.93
CA LEU A 582 -29.75 -18.60 19.88
C LEU A 582 -29.93 -20.01 20.43
N ALA A 583 -30.58 -20.04 21.60
CA ALA A 583 -31.07 -21.23 22.31
C ALA A 583 -30.17 -22.43 22.13
N THR B 2 50.08 0.14 -0.18
CA THR B 2 50.14 -1.25 0.38
C THR B 2 49.49 -2.32 -0.58
N HIS B 3 48.52 -1.85 -1.39
CA HIS B 3 47.68 -2.66 -2.31
C HIS B 3 47.51 -1.94 -3.65
N LYS B 4 47.60 -2.68 -4.75
CA LYS B 4 47.55 -2.08 -6.10
C LYS B 4 46.13 -1.55 -6.47
N SER B 5 45.08 -2.27 -6.05
CA SER B 5 43.71 -1.97 -6.39
C SER B 5 42.81 -2.06 -5.17
N GLU B 6 42.20 -0.94 -4.78
CA GLU B 6 41.46 -0.84 -3.55
C GLU B 6 40.13 -1.61 -3.56
N ILE B 7 39.48 -1.66 -4.73
CA ILE B 7 38.26 -2.41 -4.80
C ILE B 7 38.53 -3.92 -4.79
N ALA B 8 39.69 -4.33 -5.36
CA ALA B 8 40.05 -5.76 -5.29
C ALA B 8 40.31 -6.12 -3.84
N HIS B 9 41.05 -5.28 -3.15
CA HIS B 9 41.37 -5.53 -1.80
C HIS B 9 40.13 -5.59 -0.87
N ARG B 10 39.06 -4.79 -1.09
CA ARG B 10 38.00 -4.81 -0.12
C ARG B 10 37.13 -5.99 -0.36
N PHE B 11 37.01 -6.38 -1.63
CA PHE B 11 36.26 -7.55 -2.00
C PHE B 11 36.91 -8.71 -1.31
N LYS B 12 38.21 -8.86 -1.50
CA LYS B 12 38.90 -9.95 -0.86
C LYS B 12 38.71 -9.91 0.67
N ASP B 13 38.81 -8.73 1.30
CA ASP B 13 38.87 -8.70 2.74
C ASP B 13 37.53 -9.07 3.39
N LEU B 14 36.45 -8.65 2.70
CA LEU B 14 35.05 -8.69 3.16
C LEU B 14 34.23 -9.83 2.56
N GLY B 15 34.63 -10.29 1.38
CA GLY B 15 33.94 -11.44 0.77
C GLY B 15 32.76 -10.90 0.03
N GLU B 16 32.32 -11.65 -0.96
CA GLU B 16 31.24 -11.24 -1.84
C GLU B 16 30.00 -10.69 -1.09
N GLU B 17 29.49 -11.46 -0.11
CA GLU B 17 28.11 -11.24 0.41
C GLU B 17 28.06 -9.88 1.03
N HIS B 18 28.98 -9.67 1.95
CA HIS B 18 29.06 -8.41 2.63
C HIS B 18 29.44 -7.30 1.65
N PHE B 19 30.22 -7.66 0.61
CA PHE B 19 30.65 -6.65 -0.33
C PHE B 19 29.42 -6.16 -1.07
N LYS B 20 28.60 -7.09 -1.57
CA LYS B 20 27.32 -6.74 -2.19
C LYS B 20 26.40 -6.00 -1.22
N GLY B 21 26.36 -6.40 0.04
CA GLY B 21 25.44 -5.70 0.95
C GLY B 21 25.81 -4.22 1.13
N LEU B 22 27.11 -3.98 1.36
CA LEU B 22 27.56 -2.67 1.75
C LEU B 22 27.42 -1.74 0.59
N VAL B 23 27.63 -2.25 -0.62
CA VAL B 23 27.52 -1.37 -1.80
C VAL B 23 26.04 -1.00 -1.99
N LEU B 24 25.14 -1.91 -1.65
CA LEU B 24 23.72 -1.62 -1.77
C LEU B 24 23.33 -0.53 -0.83
N ILE B 25 23.88 -0.62 0.36
CA ILE B 25 23.57 0.35 1.39
C ILE B 25 24.14 1.66 0.93
N ALA B 26 25.41 1.71 0.53
CA ALA B 26 26.02 2.96 0.03
C ALA B 26 25.20 3.63 -1.07
N PHE B 27 24.82 2.92 -2.12
CA PHE B 27 23.93 3.55 -3.12
C PHE B 27 22.61 4.00 -2.56
N SER B 28 21.97 3.14 -1.76
CA SER B 28 20.69 3.49 -1.12
C SER B 28 20.79 4.69 -0.22
N GLN B 29 22.01 5.09 0.20
CA GLN B 29 22.18 6.26 1.03
C GLN B 29 22.44 7.48 0.15
N TYR B 30 23.08 7.22 -0.97
CA TYR B 30 23.41 8.29 -1.93
C TYR B 30 22.18 8.65 -2.69
N LEU B 31 21.31 7.68 -2.92
CA LEU B 31 20.18 7.85 -3.81
C LEU B 31 18.89 7.24 -3.28
N GLN B 32 18.22 7.99 -2.42
CA GLN B 32 17.17 7.42 -1.63
C GLN B 32 15.86 7.33 -2.28
N GLN B 33 15.75 7.84 -3.48
CA GLN B 33 14.47 7.67 -4.11
C GLN B 33 14.39 6.66 -5.24
N CYS B 34 15.51 6.03 -5.59
CA CYS B 34 15.45 5.04 -6.65
C CYS B 34 14.83 3.74 -6.15
N PRO B 35 14.13 3.01 -7.05
CA PRO B 35 13.51 1.80 -6.56
C PRO B 35 14.64 0.82 -6.41
N PHE B 36 14.37 -0.20 -5.63
CA PHE B 36 15.33 -1.23 -5.33
C PHE B 36 16.04 -1.67 -6.59
N ASP B 37 15.27 -1.78 -7.66
CA ASP B 37 15.78 -2.48 -8.82
C ASP B 37 16.87 -1.79 -9.58
N GLU B 38 16.82 -0.46 -9.62
CA GLU B 38 17.90 0.24 -10.27
C GLU B 38 19.16 0.11 -9.46
N HIS B 39 19.01 -0.12 -8.16
CA HIS B 39 20.15 -0.30 -7.31
C HIS B 39 20.84 -1.64 -7.44
N VAL B 40 20.06 -2.71 -7.36
CA VAL B 40 20.58 -4.04 -7.61
C VAL B 40 21.40 -4.15 -8.91
N LYS B 41 21.02 -3.40 -9.94
CA LYS B 41 21.82 -3.36 -11.15
C LYS B 41 23.20 -2.70 -10.91
N LEU B 42 23.18 -1.54 -10.28
CA LEU B 42 24.41 -0.84 -9.99
C LEU B 42 25.28 -1.69 -9.07
N VAL B 43 24.64 -2.34 -8.10
CA VAL B 43 25.39 -3.24 -7.24
C VAL B 43 26.06 -4.35 -8.01
N ASN B 44 25.30 -5.01 -8.89
CA ASN B 44 25.89 -6.00 -9.75
C ASN B 44 27.07 -5.46 -10.66
N GLU B 45 26.88 -4.32 -11.31
CA GLU B 45 27.99 -3.78 -12.12
C GLU B 45 29.26 -3.73 -11.28
N LEU B 46 29.24 -2.94 -10.24
CA LEU B 46 30.37 -2.85 -9.37
C LEU B 46 30.90 -4.17 -8.99
N THR B 47 30.04 -5.13 -8.65
CA THR B 47 30.56 -6.34 -8.02
C THR B 47 31.23 -7.23 -9.05
N GLU B 48 30.69 -7.26 -10.26
CA GLU B 48 31.46 -7.97 -11.29
C GLU B 48 32.80 -7.28 -11.62
N PHE B 49 32.76 -5.98 -11.63
CA PHE B 49 33.98 -5.32 -11.95
C PHE B 49 35.01 -5.67 -10.86
N ALA B 50 34.54 -5.77 -9.63
CA ALA B 50 35.45 -6.14 -8.58
C ALA B 50 36.04 -7.49 -8.79
N LYS B 51 35.22 -8.46 -9.20
CA LYS B 51 35.72 -9.77 -9.65
C LYS B 51 36.84 -9.68 -10.70
N THR B 52 36.62 -8.89 -11.74
CA THR B 52 37.64 -8.66 -12.77
C THR B 52 38.90 -8.16 -12.06
N CYS B 53 38.75 -7.23 -11.13
CA CYS B 53 39.96 -6.66 -10.57
C CYS B 53 40.76 -7.64 -9.72
N VAL B 54 40.01 -8.49 -8.98
CA VAL B 54 40.61 -9.49 -8.11
C VAL B 54 41.35 -10.51 -8.93
N ALA B 55 40.76 -10.95 -10.04
CA ALA B 55 41.52 -11.79 -10.98
C ALA B 55 42.74 -11.07 -11.57
N ASP B 56 42.67 -9.73 -11.77
CA ASP B 56 43.66 -9.03 -12.62
C ASP B 56 43.84 -7.57 -12.23
N GLU B 57 44.73 -7.35 -11.27
CA GLU B 57 44.83 -6.06 -10.62
C GLU B 57 45.33 -5.02 -11.57
N SER B 58 45.67 -5.41 -12.79
CA SER B 58 46.29 -4.47 -13.79
C SER B 58 45.23 -3.85 -14.66
N HIS B 59 44.04 -4.40 -14.56
CA HIS B 59 43.05 -4.08 -15.51
C HIS B 59 42.70 -2.62 -15.52
N ALA B 60 42.16 -2.15 -16.64
CA ALA B 60 41.72 -0.74 -16.75
C ALA B 60 40.72 -0.35 -15.66
N GLY B 61 41.03 0.62 -14.81
CA GLY B 61 40.00 1.09 -13.90
C GLY B 61 40.19 0.47 -12.51
N CYS B 62 41.04 -0.53 -12.36
CA CYS B 62 41.09 -1.26 -11.09
C CYS B 62 41.89 -0.43 -10.10
N GLU B 63 42.63 0.56 -10.61
CA GLU B 63 43.46 1.35 -9.69
C GLU B 63 42.67 2.53 -9.14
N LYS B 64 41.55 2.90 -9.77
CA LYS B 64 40.82 4.11 -9.26
C LYS B 64 40.29 3.98 -7.82
N SER B 65 40.06 5.08 -7.16
CA SER B 65 39.53 5.05 -5.78
C SER B 65 38.06 4.61 -5.82
N LEU B 66 37.52 4.15 -4.72
CA LEU B 66 36.14 3.71 -4.70
C LEU B 66 35.16 4.89 -4.90
N HIS B 67 35.49 6.05 -4.31
CA HIS B 67 34.73 7.27 -4.64
C HIS B 67 34.56 7.35 -6.13
N THR B 68 35.68 7.37 -6.87
CA THR B 68 35.62 7.51 -8.29
C THR B 68 34.79 6.40 -8.93
N LEU B 69 34.95 5.18 -8.48
CA LEU B 69 34.14 4.11 -9.03
C LEU B 69 32.65 4.16 -8.68
N PHE B 70 32.28 4.34 -7.39
CA PHE B 70 30.88 4.61 -7.04
C PHE B 70 30.30 5.81 -7.80
N GLY B 71 30.99 6.96 -7.71
CA GLY B 71 30.61 8.15 -8.46
C GLY B 71 30.36 7.91 -9.94
N ASP B 72 31.31 7.29 -10.63
CA ASP B 72 31.08 6.98 -12.03
C ASP B 72 29.73 6.28 -12.22
N GLU B 73 29.38 5.31 -11.37
CA GLU B 73 28.13 4.55 -11.49
C GLU B 73 26.90 5.42 -11.36
N LEU B 74 26.87 6.25 -10.32
CA LEU B 74 25.76 7.17 -10.10
C LEU B 74 25.60 8.18 -11.20
N CYS B 75 26.65 8.43 -11.95
CA CYS B 75 26.53 9.39 -12.99
C CYS B 75 25.84 8.83 -14.20
N LYS B 76 25.84 7.51 -14.32
CA LYS B 76 25.19 6.87 -15.48
C LYS B 76 23.66 6.76 -15.34
N VAL B 77 23.18 6.71 -14.11
CA VAL B 77 21.76 6.69 -13.87
C VAL B 77 21.09 7.81 -14.68
N ALA B 78 20.26 7.43 -15.67
CA ALA B 78 19.58 8.42 -16.55
C ALA B 78 18.48 9.24 -15.85
N SER B 79 17.94 8.74 -14.75
CA SER B 79 16.88 9.44 -13.99
C SER B 79 17.31 10.66 -13.15
N LEU B 80 18.61 10.82 -12.92
CA LEU B 80 19.21 11.90 -12.09
C LEU B 80 18.65 13.33 -12.12
N ARG B 81 18.63 13.99 -13.29
CA ARG B 81 18.09 15.34 -13.37
C ARG B 81 16.69 15.31 -12.82
N GLU B 82 15.92 14.33 -13.28
CA GLU B 82 14.51 14.31 -13.02
C GLU B 82 14.10 13.91 -11.61
N THR B 83 14.88 13.05 -10.96
CA THR B 83 14.56 12.56 -9.59
C THR B 83 15.29 13.31 -8.45
N TYR B 84 16.48 13.85 -8.74
CA TYR B 84 17.36 14.37 -7.66
C TYR B 84 17.76 15.82 -7.88
N GLY B 85 17.48 16.31 -9.09
CA GLY B 85 17.62 17.72 -9.44
C GLY B 85 19.05 18.15 -9.46
N ASP B 86 19.36 19.10 -8.57
CA ASP B 86 20.69 19.75 -8.49
C ASP B 86 21.77 18.72 -8.23
N MET B 87 21.36 17.50 -7.98
CA MET B 87 22.32 16.47 -7.67
C MET B 87 23.11 16.10 -8.91
N ALA B 88 22.50 16.25 -10.10
CA ALA B 88 23.23 15.96 -11.36
C ALA B 88 24.31 17.00 -11.76
N ASP B 89 24.33 18.15 -11.07
CA ASP B 89 25.47 19.06 -11.08
C ASP B 89 26.68 18.50 -10.31
N CYS B 90 26.51 17.44 -9.51
CA CYS B 90 27.69 16.80 -8.95
C CYS B 90 28.47 16.06 -10.03
N CYS B 91 27.75 15.61 -11.06
CA CYS B 91 28.38 14.85 -12.09
C CYS B 91 29.36 15.64 -12.92
N GLU B 92 29.23 16.96 -12.93
CA GLU B 92 30.15 17.83 -13.68
C GLU B 92 31.46 18.10 -12.93
N LYS B 93 31.63 17.49 -11.77
CA LYS B 93 32.78 17.77 -10.91
C LYS B 93 33.90 16.70 -10.90
N GLN B 94 35.07 17.09 -10.47
CA GLN B 94 36.18 16.17 -10.37
C GLN B 94 36.16 15.64 -8.95
N GLU B 95 36.67 14.42 -8.75
CA GLU B 95 36.86 13.93 -7.39
C GLU B 95 37.91 14.81 -6.74
N PRO B 96 37.88 15.00 -5.41
CA PRO B 96 36.93 14.72 -4.34
C PRO B 96 35.68 15.58 -4.30
N GLU B 97 35.61 16.60 -5.15
CA GLU B 97 34.45 17.53 -5.05
C GLU B 97 33.16 16.84 -5.43
N ARG B 98 33.21 15.92 -6.38
CA ARG B 98 32.02 15.23 -6.79
C ARG B 98 31.42 14.53 -5.60
N ASN B 99 32.25 13.77 -4.89
CA ASN B 99 31.84 13.04 -3.72
C ASN B 99 31.33 13.89 -2.52
N GLU B 100 32.04 14.95 -2.18
CA GLU B 100 31.54 15.90 -1.18
C GLU B 100 30.15 16.31 -1.57
N CYS B 101 29.97 16.59 -2.85
CA CYS B 101 28.73 17.07 -3.33
C CYS B 101 27.59 16.02 -3.25
N PHE B 102 27.83 14.77 -3.63
CA PHE B 102 26.81 13.76 -3.47
C PHE B 102 26.41 13.63 -2.05
N LEU B 103 27.42 13.50 -1.19
CA LEU B 103 27.20 13.35 0.23
C LEU B 103 26.31 14.46 0.73
N SER B 104 26.47 15.66 0.21
CA SER B 104 25.79 16.79 0.82
C SER B 104 24.34 16.72 0.50
N HIS B 105 23.95 15.79 -0.35
CA HIS B 105 22.56 15.67 -0.73
C HIS B 105 21.83 14.57 0.07
N LYS B 106 22.49 13.93 1.04
CA LYS B 106 21.79 12.96 1.89
C LYS B 106 20.71 13.64 2.68
N ASP B 107 19.55 13.06 2.65
CA ASP B 107 18.38 13.69 3.21
C ASP B 107 17.95 13.05 4.52
N ASP B 108 18.12 13.77 5.63
CA ASP B 108 17.68 13.21 6.90
C ASP B 108 16.17 13.07 7.06
N SER B 109 15.41 13.60 6.11
CA SER B 109 14.01 13.53 6.20
C SER B 109 13.38 13.23 4.83
N PRO B 110 13.54 11.96 4.35
CA PRO B 110 13.15 11.63 2.99
C PRO B 110 11.65 11.38 2.78
N ASP B 111 10.85 11.27 3.84
CA ASP B 111 9.41 11.21 3.68
C ASP B 111 9.02 10.06 2.76
N LEU B 112 9.10 8.86 3.31
CA LEU B 112 8.83 7.69 2.54
C LEU B 112 7.63 7.01 3.23
N PRO B 113 6.87 6.14 2.51
CA PRO B 113 5.77 5.35 3.08
C PRO B 113 6.08 4.78 4.46
N LYS B 114 5.13 4.89 5.40
CA LYS B 114 5.34 4.25 6.70
C LYS B 114 5.24 2.74 6.48
N LEU B 115 6.34 2.04 6.72
CA LEU B 115 6.46 0.63 6.33
C LEU B 115 5.37 -0.24 6.95
N LYS B 116 4.37 -0.62 6.13
CA LYS B 116 3.29 -1.46 6.66
C LYS B 116 3.48 -2.91 6.20
N PRO B 117 3.97 -3.79 7.10
CA PRO B 117 4.16 -5.18 6.70
C PRO B 117 2.99 -6.09 7.07
N ASP B 118 2.46 -6.83 6.08
CA ASP B 118 1.52 -7.94 6.35
C ASP B 118 2.35 -9.17 6.69
N PRO B 119 1.98 -9.86 7.79
CA PRO B 119 2.61 -11.12 8.15
C PRO B 119 2.75 -12.05 6.93
N ASN B 120 1.63 -12.29 6.23
CA ASN B 120 1.63 -13.22 5.11
C ASN B 120 2.54 -12.77 3.96
N THR B 121 2.22 -11.67 3.27
CA THR B 121 3.11 -11.21 2.16
C THR B 121 4.59 -11.30 2.57
N LEU B 122 4.87 -11.03 3.84
CA LEU B 122 6.25 -11.05 4.34
C LEU B 122 6.89 -12.43 4.36
N CYS B 123 6.21 -13.42 4.95
CA CYS B 123 6.75 -14.79 5.01
C CYS B 123 6.74 -15.43 3.62
N ASP B 124 5.89 -14.88 2.75
CA ASP B 124 5.76 -15.33 1.37
C ASP B 124 7.06 -14.96 0.62
N GLU B 125 7.42 -13.67 0.70
CA GLU B 125 8.58 -13.06 0.01
C GLU B 125 9.89 -13.73 0.40
N PHE B 126 9.98 -14.09 1.67
CA PHE B 126 11.17 -14.64 2.29
C PHE B 126 11.35 -16.11 1.92
N LYS B 127 10.24 -16.87 1.95
CA LYS B 127 10.23 -18.28 1.64
C LYS B 127 10.58 -18.41 0.19
N ALA B 128 10.01 -17.51 -0.63
CA ALA B 128 10.31 -17.42 -2.07
C ALA B 128 11.79 -17.13 -2.39
N ASP B 129 12.32 -16.00 -1.91
CA ASP B 129 13.71 -15.58 -2.23
C ASP B 129 14.46 -14.89 -1.03
N GLU B 130 15.33 -15.66 -0.37
CA GLU B 130 16.00 -15.28 0.87
C GLU B 130 16.95 -14.07 0.78
N LYS B 131 17.77 -14.02 -0.27
CA LYS B 131 18.74 -12.95 -0.41
C LYS B 131 18.00 -11.68 -0.79
N LYS B 132 17.04 -11.75 -1.73
CA LYS B 132 16.32 -10.55 -2.13
C LYS B 132 15.56 -9.91 -0.95
N PHE B 133 15.22 -10.73 0.02
CA PHE B 133 14.52 -10.28 1.18
C PHE B 133 15.54 -9.62 2.09
N TRP B 134 16.70 -10.26 2.17
CA TRP B 134 17.74 -9.80 3.04
C TRP B 134 18.22 -8.49 2.49
N GLY B 135 18.29 -8.33 1.16
CA GLY B 135 18.76 -7.08 0.54
C GLY B 135 17.71 -5.97 0.63
N LYS B 136 16.46 -6.34 0.46
CA LYS B 136 15.40 -5.39 0.45
C LYS B 136 15.35 -4.68 1.80
N TYR B 137 15.84 -5.35 2.82
CA TYR B 137 15.69 -4.80 4.13
C TYR B 137 16.79 -3.73 4.28
N LEU B 138 18.04 -4.14 4.10
CA LEU B 138 19.18 -3.22 3.94
C LEU B 138 18.71 -2.01 3.20
N TYR B 139 18.18 -2.25 2.00
CA TYR B 139 17.69 -1.15 1.21
C TYR B 139 16.63 -0.29 1.94
N GLU B 140 15.62 -0.82 2.59
CA GLU B 140 14.59 0.17 3.02
C GLU B 140 15.02 0.94 4.25
N ILE B 141 15.92 0.38 5.03
CA ILE B 141 16.44 0.98 6.21
C ILE B 141 17.46 2.01 5.80
N ALA B 142 18.30 1.64 4.85
CA ALA B 142 19.43 2.51 4.48
C ALA B 142 18.96 3.79 3.86
N ARG B 143 17.95 3.66 3.02
CA ARG B 143 17.38 4.82 2.37
C ARG B 143 16.58 5.77 3.28
N ARG B 144 16.13 5.27 4.42
CA ARG B 144 15.39 6.14 5.36
C ARG B 144 16.29 6.70 6.46
N HIS B 145 17.48 6.10 6.57
CA HIS B 145 18.48 6.50 7.55
C HIS B 145 19.84 6.63 6.84
N PRO B 146 20.03 7.74 6.13
CA PRO B 146 21.17 7.73 5.21
C PRO B 146 22.49 7.73 5.90
N TYR B 147 22.54 7.92 7.23
CA TYR B 147 23.79 7.69 7.94
C TYR B 147 23.90 6.41 8.68
N PHE B 148 23.00 5.47 8.52
CA PHE B 148 23.02 4.32 9.40
C PHE B 148 24.34 3.56 9.32
N TYR B 149 24.74 2.93 10.41
CA TYR B 149 26.12 2.48 10.58
C TYR B 149 26.26 1.19 9.79
N ALA B 150 26.84 1.26 8.61
CA ALA B 150 26.56 0.24 7.63
C ALA B 150 26.86 -1.16 8.19
N PRO B 151 28.02 -1.39 8.81
CA PRO B 151 28.29 -2.75 9.29
C PRO B 151 27.24 -3.21 10.29
N GLU B 152 26.79 -2.31 11.14
CA GLU B 152 25.74 -2.70 12.06
C GLU B 152 24.45 -3.05 11.32
N LEU B 153 24.27 -2.49 10.14
CA LEU B 153 23.06 -2.74 9.42
C LEU B 153 22.98 -4.17 8.83
N LEU B 154 24.07 -4.64 8.27
CA LEU B 154 24.18 -6.06 7.89
C LEU B 154 23.92 -6.97 9.08
N TYR B 155 24.44 -6.59 10.24
CA TYR B 155 24.14 -7.37 11.40
C TYR B 155 22.65 -7.46 11.63
N TYR B 156 21.93 -6.34 11.65
CA TYR B 156 20.46 -6.38 11.87
C TYR B 156 19.77 -7.23 10.79
N ALA B 157 20.20 -7.10 9.54
CA ALA B 157 19.55 -7.86 8.46
C ALA B 157 19.65 -9.35 8.69
N ASN B 158 20.79 -9.82 9.15
CA ASN B 158 20.82 -11.23 9.57
C ASN B 158 19.80 -11.62 10.69
N LYS B 159 19.57 -10.72 11.63
CA LYS B 159 18.67 -11.00 12.69
C LYS B 159 17.27 -11.12 12.18
N TYR B 160 16.95 -10.27 11.21
CA TYR B 160 15.63 -10.19 10.58
C TYR B 160 15.34 -11.50 9.89
N ASN B 161 16.25 -11.92 9.03
CA ASN B 161 16.21 -13.27 8.50
C ASN B 161 16.10 -14.42 9.55
N GLY B 162 16.79 -14.39 10.69
CA GLY B 162 16.64 -15.46 11.68
C GLY B 162 15.28 -15.34 12.38
N VAL B 163 14.78 -14.12 12.42
CA VAL B 163 13.46 -13.93 12.94
C VAL B 163 12.42 -14.65 12.09
N PHE B 164 12.52 -14.54 10.76
CA PHE B 164 11.56 -15.24 9.88
C PHE B 164 11.79 -16.74 9.67
N GLN B 165 13.04 -17.16 9.70
CA GLN B 165 13.38 -18.56 9.52
C GLN B 165 12.71 -19.34 10.63
N GLU B 166 12.74 -18.68 11.79
CA GLU B 166 12.34 -19.19 13.10
C GLU B 166 10.84 -19.01 13.36
N CYS B 167 10.15 -18.24 12.53
CA CYS B 167 8.75 -17.89 12.80
C CYS B 167 7.79 -18.19 11.66
N CYS B 168 8.32 -18.41 10.46
CA CYS B 168 7.46 -18.66 9.32
C CYS B 168 7.01 -20.09 9.37
N GLN B 169 7.74 -20.89 10.14
CA GLN B 169 7.37 -22.27 10.33
C GLN B 169 6.30 -22.51 11.45
N ALA B 170 6.04 -21.52 12.32
CA ALA B 170 4.94 -21.60 13.32
C ALA B 170 3.53 -21.53 12.70
N GLU B 171 2.53 -21.82 13.54
CA GLU B 171 1.12 -21.93 13.14
C GLU B 171 0.53 -20.54 13.14
N ASP B 172 0.64 -19.88 14.30
CA ASP B 172 0.44 -18.44 14.36
C ASP B 172 1.77 -17.79 14.04
N LYS B 173 1.94 -17.50 12.75
CA LYS B 173 3.08 -16.74 12.25
C LYS B 173 3.03 -15.31 12.84
N GLY B 174 1.88 -14.64 12.70
CA GLY B 174 1.72 -13.23 13.03
C GLY B 174 2.13 -12.97 14.45
N ALA B 175 1.67 -13.83 15.35
CA ALA B 175 1.94 -13.66 16.78
C ALA B 175 3.39 -13.95 17.18
N CYS B 176 4.12 -14.62 16.29
CA CYS B 176 5.56 -14.88 16.47
C CYS B 176 6.38 -13.63 16.10
N LEU B 177 5.84 -12.83 15.20
CA LEU B 177 6.59 -11.78 14.52
C LEU B 177 6.45 -10.43 15.14
N LEU B 178 5.22 -10.02 15.35
CA LEU B 178 4.96 -8.63 15.65
C LEU B 178 5.78 -8.21 16.84
N PRO B 179 5.84 -9.06 17.89
CA PRO B 179 6.62 -8.70 19.07
C PRO B 179 8.07 -8.61 18.74
N LYS B 180 8.62 -9.65 18.12
CA LYS B 180 10.05 -9.73 17.76
C LYS B 180 10.53 -8.62 16.85
N ILE B 181 9.71 -8.24 15.87
CA ILE B 181 9.93 -7.08 14.99
C ILE B 181 9.97 -5.79 15.77
N GLU B 182 8.89 -5.50 16.48
CA GLU B 182 8.81 -4.30 17.28
C GLU B 182 9.99 -4.22 18.22
N THR B 183 10.35 -5.34 18.88
CA THR B 183 11.59 -5.43 19.71
C THR B 183 12.79 -4.98 18.87
N MET B 184 13.00 -5.66 17.74
CA MET B 184 14.07 -5.27 16.83
C MET B 184 14.03 -3.79 16.35
N ARG B 185 12.87 -3.35 15.86
CA ARG B 185 12.79 -2.07 15.17
C ARG B 185 13.07 -0.85 16.04
N GLU B 186 12.91 -1.00 17.36
CA GLU B 186 13.13 0.12 18.27
C GLU B 186 14.61 0.22 18.45
N LYS B 187 15.23 -0.93 18.65
CA LYS B 187 16.69 -1.02 18.63
C LYS B 187 17.41 -0.42 17.41
N VAL B 188 16.75 -0.48 16.25
CA VAL B 188 17.32 -0.05 15.03
C VAL B 188 17.20 1.45 14.98
N LEU B 189 16.03 1.99 15.33
CA LEU B 189 15.88 3.45 15.46
C LEU B 189 16.87 4.03 16.46
N THR B 190 16.92 3.40 17.59
CA THR B 190 17.97 3.62 18.52
C THR B 190 19.36 3.51 17.90
N SER B 191 19.80 2.38 17.42
CA SER B 191 21.09 2.35 16.70
C SER B 191 21.30 3.54 15.76
N SER B 192 20.27 3.87 15.00
CA SER B 192 20.36 4.89 13.97
C SER B 192 20.62 6.26 14.58
N ALA B 193 20.03 6.56 15.73
CA ALA B 193 20.15 7.88 16.28
C ALA B 193 21.52 8.06 16.94
N ARG B 194 22.05 6.99 17.49
CA ARG B 194 23.39 6.97 18.03
C ARG B 194 24.39 7.39 16.97
N GLN B 195 24.32 6.68 15.85
CA GLN B 195 25.26 6.94 14.78
C GLN B 195 25.08 8.30 14.18
N ARG B 196 23.84 8.82 14.15
CA ARG B 196 23.65 10.07 13.50
C ARG B 196 24.35 11.10 14.31
N LEU B 197 24.39 10.82 15.61
CA LEU B 197 24.98 11.74 16.55
C LEU B 197 26.48 11.68 16.51
N ARG B 198 27.01 10.48 16.32
CA ARG B 198 28.45 10.34 16.06
C ARG B 198 28.80 11.12 14.86
N CYS B 199 28.00 11.04 13.79
CA CYS B 199 28.36 11.77 12.57
C CYS B 199 28.17 13.21 12.73
N ALA B 200 27.22 13.67 13.54
CA ALA B 200 27.14 15.16 13.72
C ALA B 200 28.42 15.69 14.41
N SER B 201 28.96 14.94 15.39
CA SER B 201 30.23 15.31 16.05
C SER B 201 31.27 15.66 15.02
N ILE B 202 31.57 14.77 14.07
CA ILE B 202 32.66 15.06 13.13
C ILE B 202 32.29 16.16 12.18
N GLN B 203 31.08 16.13 11.67
CA GLN B 203 30.71 17.02 10.63
C GLN B 203 30.69 18.38 11.18
N LYS B 204 30.25 18.54 12.42
CA LYS B 204 30.05 19.89 12.96
C LYS B 204 31.09 20.31 14.01
N PHE B 205 31.78 19.38 14.65
CA PHE B 205 32.72 19.80 15.67
C PHE B 205 34.07 19.06 15.51
N GLY B 206 34.31 18.35 14.41
CA GLY B 206 35.67 18.00 14.07
C GLY B 206 36.04 16.65 14.65
N GLU B 207 37.03 16.02 14.07
CA GLU B 207 37.26 14.64 14.40
C GLU B 207 37.45 14.41 15.91
N ARG B 208 38.16 15.35 16.55
CA ARG B 208 38.40 15.25 18.00
C ARG B 208 37.14 15.06 18.87
N ALA B 209 36.05 15.73 18.54
CA ALA B 209 34.83 15.41 19.29
C ALA B 209 34.47 13.94 19.19
N LEU B 210 34.64 13.40 17.99
CA LEU B 210 34.40 11.98 17.79
C LEU B 210 35.32 11.14 18.67
N LYS B 211 36.62 11.40 18.55
CA LYS B 211 37.63 10.65 19.27
C LYS B 211 37.31 10.67 20.76
N ALA B 212 37.13 11.88 21.28
CA ALA B 212 36.75 12.06 22.65
C ALA B 212 35.65 11.03 23.04
N TRP B 213 34.63 10.92 22.19
CA TRP B 213 33.55 10.01 22.46
C TRP B 213 34.08 8.64 22.61
N SER B 214 34.94 8.24 21.67
CA SER B 214 35.61 6.95 21.67
C SER B 214 36.30 6.72 22.99
N VAL B 215 37.09 7.71 23.42
CA VAL B 215 37.80 7.62 24.73
C VAL B 215 36.83 7.28 25.86
N ALA B 216 35.79 8.07 26.05
CA ALA B 216 34.86 7.75 27.12
C ALA B 216 34.14 6.39 26.99
N ARG B 217 33.66 6.03 25.80
CA ARG B 217 32.93 4.79 25.66
C ARG B 217 33.82 3.56 26.03
N LEU B 218 35.04 3.55 25.53
CA LEU B 218 35.97 2.46 25.77
C LEU B 218 36.45 2.37 27.20
N SER B 219 36.64 3.53 27.81
CA SER B 219 37.19 3.57 29.15
C SER B 219 36.18 3.07 30.16
N GLN B 220 34.92 3.43 29.97
CA GLN B 220 33.85 2.85 30.79
C GLN B 220 33.81 1.33 30.61
N LYS B 221 34.02 0.85 29.39
CA LYS B 221 33.86 -0.60 29.09
C LYS B 221 35.04 -1.46 29.62
N PHE B 222 36.24 -0.88 29.51
CA PHE B 222 37.49 -1.55 29.77
C PHE B 222 38.23 -0.76 30.82
N PRO B 223 37.65 -0.71 32.02
CA PRO B 223 38.33 0.07 33.02
C PRO B 223 39.71 -0.52 33.44
N LYS B 224 39.94 -1.84 33.31
CA LYS B 224 41.27 -2.43 33.69
C LYS B 224 42.35 -2.19 32.62
N ALA B 225 41.95 -1.92 31.37
CA ALA B 225 42.93 -1.68 30.32
C ALA B 225 43.77 -0.44 30.67
N GLU B 226 45.08 -0.46 30.42
CA GLU B 226 45.87 0.77 30.60
C GLU B 226 45.50 1.78 29.54
N PHE B 227 45.95 3.03 29.77
CA PHE B 227 45.80 4.15 28.82
C PHE B 227 46.41 3.95 27.42
N VAL B 228 47.71 3.65 27.37
CA VAL B 228 48.41 3.31 26.11
C VAL B 228 47.57 2.45 25.13
N GLU B 229 47.10 1.35 25.69
CA GLU B 229 46.18 0.42 25.11
C GLU B 229 44.87 1.07 24.69
N VAL B 230 44.30 1.88 25.59
CA VAL B 230 43.03 2.48 25.27
C VAL B 230 43.27 3.44 24.12
N THR B 231 44.36 4.22 24.14
CA THR B 231 44.66 5.19 23.09
C THR B 231 44.67 4.55 21.71
N LYS B 232 45.15 3.31 21.65
CA LYS B 232 45.28 2.59 20.38
C LYS B 232 43.91 2.17 19.87
N LEU B 233 43.10 1.61 20.77
CA LEU B 233 41.72 1.24 20.45
C LEU B 233 40.90 2.44 20.01
N VAL B 234 41.13 3.59 20.63
CA VAL B 234 40.45 4.81 20.29
C VAL B 234 40.78 5.15 18.86
N THR B 235 42.06 5.00 18.57
CA THR B 235 42.54 5.48 17.33
C THR B 235 41.87 4.77 16.18
N ASP B 236 41.66 3.50 16.40
CA ASP B 236 41.11 2.67 15.35
C ASP B 236 39.60 2.80 15.28
N LEU B 237 38.98 2.92 16.44
CA LEU B 237 37.53 3.17 16.50
C LEU B 237 37.18 4.47 15.84
N THR B 238 38.10 5.40 15.91
CA THR B 238 37.79 6.74 15.50
C THR B 238 37.79 6.80 13.97
N LYS B 239 38.74 6.10 13.41
CA LYS B 239 38.87 5.89 11.99
C LYS B 239 37.62 5.16 11.44
N VAL B 240 37.20 4.07 12.09
CA VAL B 240 35.96 3.38 11.66
C VAL B 240 34.78 4.34 11.48
N HIS B 241 34.52 5.14 12.51
CA HIS B 241 33.48 6.15 12.39
C HIS B 241 33.79 7.28 11.46
N LYS B 242 35.01 7.75 11.41
CA LYS B 242 35.22 8.73 10.35
C LYS B 242 34.82 8.15 8.99
N GLU B 243 35.21 6.92 8.80
CA GLU B 243 34.99 6.30 7.53
C GLU B 243 33.57 5.99 7.30
N CYS B 244 32.93 5.30 8.23
CA CYS B 244 31.49 5.17 8.14
C CYS B 244 30.75 6.49 7.92
N CYS B 245 31.07 7.48 8.71
CA CYS B 245 30.33 8.74 8.58
C CYS B 245 30.64 9.43 7.27
N HIS B 246 31.80 9.19 6.70
CA HIS B 246 32.09 9.85 5.44
C HIS B 246 31.57 9.09 4.20
N GLY B 247 30.96 7.92 4.44
CA GLY B 247 30.40 7.09 3.40
C GLY B 247 31.41 6.06 2.86
N ASP B 248 32.59 5.94 3.47
CA ASP B 248 33.53 4.96 2.96
C ASP B 248 33.13 3.65 3.63
N LEU B 249 32.19 2.88 3.04
CA LEU B 249 31.55 1.80 3.79
C LEU B 249 32.39 0.54 3.78
N LEU B 250 33.05 0.28 2.64
CA LEU B 250 33.97 -0.88 2.52
C LEU B 250 35.11 -0.73 3.46
N GLU B 251 35.71 0.46 3.48
CA GLU B 251 36.78 0.68 4.43
C GLU B 251 36.26 0.51 5.82
N CYS B 252 35.13 1.16 6.13
CA CYS B 252 34.61 1.16 7.47
C CYS B 252 34.37 -0.31 7.90
N ALA B 253 33.81 -1.14 7.03
CA ALA B 253 33.42 -2.49 7.47
C ALA B 253 34.71 -3.23 7.75
N ASP B 254 35.65 -3.03 6.83
CA ASP B 254 36.88 -3.74 6.91
C ASP B 254 37.56 -3.48 8.23
N ASP B 255 37.65 -2.20 8.57
CA ASP B 255 38.41 -1.84 9.72
C ASP B 255 37.72 -2.15 10.98
N ARG B 256 36.39 -2.25 10.96
CA ARG B 256 35.68 -2.72 12.17
C ARG B 256 35.99 -4.15 12.43
N ALA B 257 35.95 -4.96 11.40
CA ALA B 257 36.32 -6.35 11.56
C ALA B 257 37.72 -6.50 12.15
N ASP B 258 38.68 -5.75 11.64
CA ASP B 258 40.06 -5.73 12.12
C ASP B 258 40.14 -5.42 13.59
N LEU B 259 39.36 -4.42 14.01
CA LEU B 259 39.38 -4.01 15.38
C LEU B 259 38.75 -5.08 16.29
N ALA B 260 37.66 -5.72 15.85
CA ALA B 260 37.13 -6.84 16.63
C ALA B 260 38.23 -7.93 16.78
N LYS B 261 38.71 -8.50 15.67
CA LYS B 261 39.84 -9.44 15.72
C LYS B 261 41.02 -8.92 16.57
N TYR B 262 41.40 -7.66 16.46
CA TYR B 262 42.41 -7.15 17.38
C TYR B 262 41.95 -7.28 18.86
N ILE B 263 40.68 -7.02 19.15
CA ILE B 263 40.27 -7.04 20.54
C ILE B 263 40.18 -8.42 21.14
N CYS B 264 39.60 -9.37 20.44
CA CYS B 264 39.61 -10.73 20.92
C CYS B 264 41.05 -11.27 21.04
N ASP B 265 41.94 -10.76 20.20
CA ASP B 265 43.37 -11.15 20.27
C ASP B 265 44.07 -10.61 21.51
N ASN B 266 43.51 -9.60 22.17
CA ASN B 266 44.18 -9.05 23.34
C ASN B 266 43.26 -8.91 24.51
N GLN B 267 42.31 -9.86 24.64
CA GLN B 267 41.46 -9.94 25.82
C GLN B 267 42.19 -9.64 27.15
N ASP B 268 43.46 -10.04 27.21
CA ASP B 268 44.29 -10.01 28.41
C ASP B 268 44.54 -8.61 28.93
N THR B 269 44.84 -7.69 28.02
CA THR B 269 45.13 -6.32 28.38
C THR B 269 43.85 -5.47 28.37
N ILE B 270 42.71 -6.16 28.33
CA ILE B 270 41.45 -5.47 28.06
C ILE B 270 40.22 -5.85 28.91
N SER B 271 39.76 -7.12 28.89
CA SER B 271 38.52 -7.49 29.65
C SER B 271 38.21 -8.99 29.93
N SER B 272 37.86 -9.28 31.19
CA SER B 272 37.40 -10.62 31.58
C SER B 272 36.03 -10.99 30.96
N LYS B 273 35.18 -9.99 30.74
CA LYS B 273 33.87 -10.23 30.11
C LYS B 273 33.86 -10.51 28.55
N LEU B 274 35.00 -10.90 27.98
CA LEU B 274 35.02 -11.05 26.54
C LEU B 274 34.82 -12.45 26.00
N LYS B 275 35.16 -13.47 26.74
CA LYS B 275 35.11 -14.83 26.18
C LYS B 275 33.93 -15.13 25.25
N GLU B 276 32.72 -14.85 25.73
CA GLU B 276 31.49 -15.25 25.04
C GLU B 276 31.33 -14.52 23.71
N CYS B 277 31.68 -13.23 23.72
CA CYS B 277 31.66 -12.42 22.50
C CYS B 277 32.50 -13.01 21.41
N CYS B 278 33.70 -13.39 21.82
CA CYS B 278 34.76 -13.80 20.96
C CYS B 278 34.59 -15.14 20.33
N ASP B 279 33.70 -15.96 20.89
CA ASP B 279 33.50 -17.30 20.31
C ASP B 279 32.47 -17.25 19.21
N LYS B 280 31.98 -16.03 18.95
CA LYS B 280 31.01 -15.86 17.91
C LYS B 280 31.60 -15.50 16.55
N PRO B 281 30.74 -15.57 15.52
CA PRO B 281 31.02 -15.18 14.14
C PRO B 281 31.07 -13.67 13.91
N LEU B 282 31.48 -13.32 12.69
CA LEU B 282 32.01 -12.01 12.43
C LEU B 282 31.11 -10.89 12.86
N LEU B 283 29.89 -10.86 12.33
CA LEU B 283 29.15 -9.66 12.59
C LEU B 283 28.72 -9.60 14.04
N GLU B 284 28.49 -10.80 14.57
CA GLU B 284 27.89 -10.89 15.87
C GLU B 284 28.94 -10.54 16.85
N LYS B 285 30.18 -10.86 16.49
CA LYS B 285 31.26 -10.48 17.33
C LYS B 285 31.21 -8.98 17.68
N SER B 286 31.21 -8.12 16.67
CA SER B 286 31.36 -6.71 16.97
C SER B 286 30.17 -6.15 17.73
N HIS B 287 29.00 -6.59 17.33
CA HIS B 287 27.79 -6.23 18.02
C HIS B 287 27.88 -6.63 19.48
N CYS B 288 28.24 -7.90 19.75
CA CYS B 288 28.38 -8.37 21.13
C CYS B 288 29.31 -7.50 21.96
N ILE B 289 30.44 -7.13 21.37
CA ILE B 289 31.43 -6.27 22.00
C ILE B 289 30.97 -4.87 22.18
N ALA B 290 30.23 -4.35 21.21
CA ALA B 290 29.61 -3.02 21.41
C ALA B 290 28.80 -3.00 22.71
N GLU B 291 28.04 -4.06 22.94
CA GLU B 291 27.13 -4.14 24.07
C GLU B 291 27.71 -5.05 25.11
N VAL B 292 29.03 -5.09 25.21
CA VAL B 292 29.66 -5.99 26.16
C VAL B 292 29.41 -5.47 27.57
N GLU B 293 29.44 -6.35 28.57
CA GLU B 293 29.33 -5.90 29.96
C GLU B 293 30.59 -5.15 30.42
N LYS B 294 30.36 -4.08 31.18
CA LYS B 294 31.45 -3.25 31.65
C LYS B 294 32.32 -4.17 32.46
N ASP B 295 33.63 -3.94 32.44
CA ASP B 295 34.43 -4.80 33.27
C ASP B 295 34.45 -4.19 34.66
N ALA B 296 35.07 -4.87 35.62
CA ALA B 296 35.22 -4.34 36.96
C ALA B 296 36.32 -3.24 37.10
N ILE B 297 36.09 -2.27 37.97
CA ILE B 297 37.04 -1.19 38.18
C ILE B 297 38.24 -1.74 38.99
N PRO B 298 39.47 -1.73 38.44
CA PRO B 298 40.67 -2.02 39.25
C PRO B 298 40.63 -1.40 40.65
N GLU B 299 41.24 -2.11 41.61
CA GLU B 299 40.91 -1.97 43.03
C GLU B 299 41.44 -0.72 43.76
N ASN B 300 42.68 -0.29 43.51
CA ASN B 300 43.23 0.87 44.22
C ASN B 300 43.76 1.97 43.30
N LEU B 301 42.87 2.41 42.44
CA LEU B 301 43.13 3.60 41.66
C LEU B 301 43.22 4.80 42.60
N PRO B 302 44.30 5.63 42.50
CA PRO B 302 44.38 6.93 43.22
C PRO B 302 43.09 7.72 43.10
N PRO B 303 42.92 8.83 43.88
CA PRO B 303 41.77 9.67 43.54
C PRO B 303 42.06 10.52 42.30
N LEU B 304 40.98 11.02 41.72
CA LEU B 304 41.03 11.94 40.58
C LEU B 304 41.82 13.24 40.86
N THR B 305 41.40 13.95 41.91
CA THR B 305 42.05 15.21 42.31
C THR B 305 43.57 15.06 42.19
N ALA B 306 44.10 13.90 42.57
CA ALA B 306 45.54 13.68 42.57
C ALA B 306 46.23 14.16 41.26
N ASP B 307 45.81 13.62 40.13
CA ASP B 307 46.64 13.77 38.93
C ASP B 307 46.22 14.99 38.11
N PHE B 308 45.06 15.51 38.48
CA PHE B 308 44.41 16.53 37.73
C PHE B 308 44.07 17.77 38.54
N ALA B 309 44.21 17.69 39.87
CA ALA B 309 43.93 18.84 40.77
C ALA B 309 45.01 19.07 41.85
N GLU B 310 45.54 18.01 42.46
CA GLU B 310 46.69 18.15 43.37
C GLU B 310 47.91 18.45 42.52
N ASP B 311 48.03 17.71 41.41
CA ASP B 311 49.18 17.80 40.51
C ASP B 311 49.54 19.25 40.22
N LYS B 312 50.83 19.55 40.16
CA LYS B 312 51.26 20.92 39.98
C LYS B 312 51.70 21.19 38.56
N ASP B 313 51.80 20.12 37.78
CA ASP B 313 52.38 20.15 36.45
C ASP B 313 51.32 20.05 35.43
N VAL B 314 50.16 20.57 35.80
CA VAL B 314 48.97 20.41 34.99
C VAL B 314 49.11 21.28 33.73
N CYS B 315 49.59 22.52 33.82
CA CYS B 315 49.86 23.29 32.59
C CYS B 315 51.04 22.79 31.73
N LYS B 316 51.99 22.08 32.30
CA LYS B 316 53.03 21.46 31.47
C LYS B 316 52.42 20.37 30.55
N ASN B 317 51.79 19.37 31.18
CA ASN B 317 51.17 18.22 30.48
C ASN B 317 49.93 18.50 29.61
N TYR B 318 49.17 19.52 29.95
CA TYR B 318 48.09 19.94 29.11
C TYR B 318 48.70 20.59 27.83
N GLN B 319 49.49 21.67 27.99
CA GLN B 319 50.06 22.46 26.87
C GLN B 319 51.03 21.73 25.96
N GLU B 320 51.64 20.66 26.48
CA GLU B 320 52.42 19.72 25.66
C GLU B 320 51.56 18.99 24.58
N ALA B 321 50.45 18.37 25.00
CA ALA B 321 49.45 17.72 24.09
C ALA B 321 48.06 17.80 24.70
N LYS B 322 47.38 18.87 24.32
CA LYS B 322 46.08 19.25 24.84
C LYS B 322 45.10 18.10 24.77
N ASP B 323 45.00 17.55 23.57
CA ASP B 323 44.03 16.53 23.36
C ASP B 323 44.42 15.23 24.13
N ALA B 324 45.71 14.89 24.18
CA ALA B 324 46.12 13.68 24.94
C ALA B 324 45.79 13.76 26.45
N PHE B 325 46.20 14.85 27.08
CA PHE B 325 45.88 15.05 28.47
C PHE B 325 44.35 14.98 28.74
N LEU B 326 43.62 15.73 27.94
CA LEU B 326 42.17 15.67 27.95
C LEU B 326 41.71 14.20 27.79
N GLY B 327 42.37 13.46 26.89
CA GLY B 327 42.10 12.03 26.71
C GLY B 327 42.34 11.21 27.98
N SER B 328 43.45 11.54 28.63
CA SER B 328 43.80 10.94 29.90
C SER B 328 42.75 11.28 31.00
N PHE B 329 42.42 12.58 31.08
CA PHE B 329 41.37 13.05 31.96
C PHE B 329 40.12 12.18 31.75
N LEU B 330 39.76 12.07 30.48
CA LEU B 330 38.62 11.35 30.08
C LEU B 330 38.73 9.88 30.48
N TYR B 331 39.92 9.30 30.30
CA TYR B 331 40.17 7.88 30.59
C TYR B 331 39.99 7.58 32.05
N GLU B 332 40.75 8.32 32.86
CA GLU B 332 40.69 8.19 34.31
C GLU B 332 39.23 8.34 34.79
N TYR B 333 38.60 9.45 34.37
CA TYR B 333 37.27 9.79 34.84
C TYR B 333 36.22 8.85 34.33
N SER B 334 36.39 8.43 33.09
CA SER B 334 35.40 7.54 32.56
C SER B 334 35.48 6.15 33.16
N ARG B 335 36.69 5.66 33.43
CA ARG B 335 36.83 4.34 34.06
C ARG B 335 36.24 4.21 35.51
N ARG B 336 36.29 5.27 36.32
CA ARG B 336 35.66 5.27 37.66
C ARG B 336 34.15 5.56 37.68
N HIS B 337 33.57 5.98 36.56
CA HIS B 337 32.15 6.24 36.56
C HIS B 337 31.48 5.66 35.36
N PRO B 338 31.38 4.34 35.36
CA PRO B 338 30.61 3.61 34.36
C PRO B 338 29.10 3.85 34.45
N GLU B 339 28.61 4.40 35.55
CA GLU B 339 27.18 4.63 35.66
C GLU B 339 26.83 5.98 35.05
N TYR B 340 27.87 6.81 34.87
CA TYR B 340 27.78 8.14 34.21
C TYR B 340 27.41 8.10 32.70
N ALA B 341 26.49 9.00 32.30
CA ALA B 341 26.15 9.28 30.89
C ALA B 341 27.35 9.86 30.15
N VAL B 342 27.60 9.30 28.96
CA VAL B 342 28.66 9.78 28.09
C VAL B 342 28.56 11.30 27.89
N SER B 343 27.35 11.78 27.56
CA SER B 343 27.15 13.20 27.39
C SER B 343 27.69 13.91 28.62
N VAL B 344 27.53 13.30 29.79
CA VAL B 344 27.94 13.96 31.02
C VAL B 344 29.44 13.98 31.12
N LEU B 345 30.07 12.87 30.78
CA LEU B 345 31.55 12.80 30.86
C LEU B 345 32.23 13.77 29.91
N LEU B 346 31.61 13.96 28.75
CA LEU B 346 32.13 14.92 27.81
C LEU B 346 31.81 16.33 28.25
N ARG B 347 30.76 16.52 29.06
CA ARG B 347 30.53 17.87 29.56
C ARG B 347 31.54 18.27 30.60
N LEU B 348 32.08 17.31 31.33
CA LEU B 348 33.09 17.57 32.36
C LEU B 348 34.40 17.85 31.69
N ALA B 349 34.78 16.94 30.80
CA ALA B 349 35.93 17.16 29.95
C ALA B 349 35.86 18.59 29.43
N LYS B 350 34.72 18.97 28.84
CA LYS B 350 34.50 20.28 28.21
C LYS B 350 34.82 21.40 29.16
N GLU B 351 34.59 21.09 30.43
CA GLU B 351 34.69 22.07 31.50
C GLU B 351 36.11 22.06 32.11
N TYR B 352 36.65 20.87 32.30
CA TYR B 352 38.03 20.75 32.67
C TYR B 352 38.84 21.52 31.66
N GLU B 353 38.35 21.60 30.45
CA GLU B 353 39.16 22.12 29.38
C GLU B 353 39.13 23.58 29.59
N ALA B 354 37.92 24.12 29.53
CA ALA B 354 37.69 25.53 29.67
C ALA B 354 38.41 26.03 30.93
N THR B 355 38.36 25.26 32.02
CA THR B 355 39.06 25.70 33.24
C THR B 355 40.55 25.91 32.90
N LEU B 356 41.22 24.82 32.45
CA LEU B 356 42.65 24.80 32.11
C LEU B 356 43.00 25.84 31.08
N GLU B 357 41.97 26.38 30.44
CA GLU B 357 42.17 27.32 29.37
C GLU B 357 42.56 28.63 29.97
N GLU B 358 41.66 29.25 30.72
CA GLU B 358 41.96 30.53 31.35
C GLU B 358 43.09 30.53 32.41
N CYS B 359 43.09 29.57 33.33
CA CYS B 359 44.10 29.55 34.42
C CYS B 359 45.58 29.43 33.99
N CYS B 360 45.84 28.81 32.85
CA CYS B 360 47.22 28.79 32.41
C CYS B 360 47.69 30.17 31.82
N ALA B 361 46.74 31.04 31.47
CA ALA B 361 47.09 32.44 31.16
C ALA B 361 47.26 33.26 32.47
N LYS B 362 47.10 32.58 33.61
CA LYS B 362 47.17 33.18 34.96
C LYS B 362 48.51 33.06 35.71
N ASP B 363 48.68 33.93 36.70
CA ASP B 363 49.87 34.03 37.57
C ASP B 363 50.04 32.87 38.57
N ASP B 364 49.00 32.57 39.36
CA ASP B 364 48.93 31.32 40.14
C ASP B 364 47.84 30.44 39.48
N PRO B 365 48.23 29.59 38.49
CA PRO B 365 47.31 28.62 37.88
C PRO B 365 46.71 27.64 38.91
N HIS B 366 47.59 27.11 39.79
CA HIS B 366 47.24 26.02 40.68
C HIS B 366 46.12 26.37 41.67
N ALA B 367 46.01 27.66 42.05
CA ALA B 367 44.97 28.14 43.02
C ALA B 367 43.55 28.14 42.45
N CYS B 368 43.44 28.62 41.22
CA CYS B 368 42.24 28.47 40.46
C CYS B 368 41.85 26.97 40.29
N TYR B 369 42.80 26.13 39.86
CA TYR B 369 42.40 24.77 39.37
C TYR B 369 42.20 23.68 40.44
N SER B 370 42.80 23.90 41.60
CA SER B 370 42.62 22.98 42.72
C SER B 370 41.12 22.64 42.90
N THR B 371 40.30 23.70 43.00
CA THR B 371 38.86 23.68 43.31
C THR B 371 38.06 23.06 42.17
N VAL B 372 38.71 22.99 41.01
CA VAL B 372 38.07 22.63 39.78
C VAL B 372 37.15 21.45 39.98
N PHE B 373 37.55 20.51 40.84
CA PHE B 373 36.79 19.29 41.01
C PHE B 373 35.50 19.45 41.73
N ASP B 374 35.31 20.66 42.28
CA ASP B 374 34.02 21.08 42.82
C ASP B 374 33.11 21.56 41.69
N LYS B 375 33.59 22.47 40.85
CA LYS B 375 32.79 22.90 39.70
C LYS B 375 32.22 21.63 39.08
N LEU B 376 33.04 20.60 39.04
CA LEU B 376 32.69 19.38 38.38
C LEU B 376 31.67 18.57 39.17
N LYS B 377 32.01 18.28 40.44
CA LYS B 377 31.08 17.60 41.38
C LYS B 377 29.73 18.31 41.38
N HIS B 378 29.75 19.55 40.90
CA HIS B 378 28.58 20.36 40.75
C HIS B 378 27.83 20.00 39.49
N LEU B 379 28.54 20.06 38.36
CA LEU B 379 28.00 19.64 37.07
C LEU B 379 27.27 18.29 37.10
N VAL B 380 27.81 17.30 37.81
CA VAL B 380 27.11 16.03 37.96
C VAL B 380 25.70 16.21 38.55
N ASP B 381 25.53 17.22 39.42
CA ASP B 381 24.33 17.33 40.27
C ASP B 381 23.24 18.24 39.74
N GLU B 382 23.59 19.11 38.80
CA GLU B 382 22.70 20.19 38.35
C GLU B 382 21.33 19.83 37.82
N PRO B 383 21.20 18.67 37.15
CA PRO B 383 19.90 18.33 36.54
C PRO B 383 18.79 17.73 37.43
N GLN B 384 19.16 17.15 38.58
CA GLN B 384 18.33 16.14 39.30
C GLN B 384 16.80 16.42 39.44
N ASN B 385 16.50 17.69 39.73
CA ASN B 385 15.14 18.20 39.79
C ASN B 385 14.32 17.99 38.52
N LEU B 386 14.92 18.32 37.37
CA LEU B 386 14.29 18.21 36.03
C LEU B 386 13.69 16.85 35.88
N ILE B 387 14.48 15.87 36.34
CA ILE B 387 14.10 14.48 36.30
C ILE B 387 12.80 14.24 37.03
N LYS B 388 12.84 14.51 38.34
CA LYS B 388 11.68 14.37 39.15
C LYS B 388 10.44 14.96 38.44
N GLN B 389 10.46 16.26 38.16
CA GLN B 389 9.26 16.94 37.64
C GLN B 389 8.71 16.19 36.48
N ASN B 390 9.59 16.04 35.50
CA ASN B 390 9.30 15.29 34.33
C ASN B 390 8.72 13.92 34.62
N CYS B 391 9.34 13.15 35.50
CA CYS B 391 8.79 11.80 35.72
C CYS B 391 7.39 11.77 36.43
N ASP B 392 7.21 12.60 37.45
CA ASP B 392 5.90 12.70 38.11
C ASP B 392 4.87 13.03 37.06
N GLN B 393 5.34 13.88 36.15
CA GLN B 393 4.53 14.48 35.12
C GLN B 393 4.09 13.36 34.24
N PHE B 394 5.08 12.54 33.84
CA PHE B 394 4.87 11.42 32.93
C PHE B 394 3.94 10.35 33.56
N GLU B 395 4.16 10.09 34.86
CA GLU B 395 3.30 9.22 35.62
C GLU B 395 1.90 9.72 35.67
N LYS B 396 1.74 10.99 36.00
CA LYS B 396 0.41 11.54 35.89
C LYS B 396 -0.16 11.17 34.50
N LEU B 397 0.53 11.55 33.43
CA LEU B 397 -0.11 11.58 32.13
C LEU B 397 -0.07 10.28 31.29
N GLY B 398 0.90 9.40 31.52
CA GLY B 398 1.11 8.33 30.56
C GLY B 398 1.76 8.92 29.31
N GLU B 399 2.28 8.04 28.46
CA GLU B 399 3.15 8.37 27.33
C GLU B 399 2.44 9.43 26.52
N TYR B 400 1.34 9.04 25.89
CA TYR B 400 0.63 9.94 25.03
C TYR B 400 0.38 11.28 25.75
N GLY B 401 -0.28 11.29 26.88
CA GLY B 401 -0.47 12.57 27.56
C GLY B 401 0.80 13.39 27.71
N PHE B 402 1.91 12.72 27.98
CA PHE B 402 3.14 13.45 28.33
C PHE B 402 3.76 14.00 27.05
N GLN B 403 3.44 13.33 25.94
CA GLN B 403 3.95 13.79 24.67
C GLN B 403 3.34 15.13 24.46
N ASN B 404 2.02 15.18 24.58
CA ASN B 404 1.25 16.43 24.61
C ASN B 404 1.82 17.50 25.49
N ALA B 405 2.31 17.16 26.67
CA ALA B 405 2.88 18.21 27.52
C ALA B 405 4.05 18.82 26.78
N LEU B 406 4.87 17.97 26.24
CA LEU B 406 6.10 18.41 25.60
C LEU B 406 5.83 19.25 24.35
N ILE B 407 4.78 18.86 23.59
CA ILE B 407 4.37 19.61 22.40
C ILE B 407 4.07 21.04 22.78
N VAL B 408 3.27 21.20 23.79
CA VAL B 408 3.02 22.48 24.35
C VAL B 408 4.35 23.12 24.76
N ARG B 409 5.14 22.41 25.55
CA ARG B 409 6.31 23.02 26.05
C ARG B 409 7.15 23.52 24.83
N TYR B 410 7.35 22.68 23.81
CA TYR B 410 8.32 22.98 22.77
C TYR B 410 7.85 23.99 21.77
N THR B 411 6.57 23.92 21.43
CA THR B 411 6.00 24.86 20.49
C THR B 411 6.01 26.30 20.99
N ARG B 412 6.10 26.45 22.31
CA ARG B 412 6.07 27.78 22.95
C ARG B 412 7.41 28.44 22.86
N LYS B 413 8.46 27.69 23.19
CA LYS B 413 9.80 28.23 23.12
C LYS B 413 10.36 28.39 21.73
N VAL B 414 10.03 27.44 20.84
CA VAL B 414 10.56 27.51 19.47
C VAL B 414 9.48 27.42 18.40
N PRO B 415 8.61 28.43 18.31
CA PRO B 415 7.45 28.29 17.47
C PRO B 415 7.75 28.37 16.03
N GLN B 416 8.92 28.83 15.63
CA GLN B 416 9.14 28.89 14.21
C GLN B 416 9.56 27.56 13.66
N VAL B 417 9.88 26.59 14.52
CA VAL B 417 10.16 25.26 14.06
C VAL B 417 8.95 24.64 13.28
N SER B 418 9.20 23.98 12.16
CA SER B 418 8.11 23.38 11.43
C SER B 418 7.26 22.44 12.29
N THR B 419 6.07 22.22 11.83
CA THR B 419 5.14 21.45 12.59
C THR B 419 5.47 19.97 12.65
N PRO B 420 5.78 19.34 11.52
CA PRO B 420 6.29 17.94 11.57
C PRO B 420 7.44 17.78 12.48
N THR B 421 8.33 18.74 12.46
CA THR B 421 9.50 18.55 13.28
C THR B 421 9.19 18.67 14.72
N LEU B 422 8.18 19.44 15.06
CA LEU B 422 7.85 19.61 16.47
C LEU B 422 7.12 18.39 16.98
N VAL B 423 6.36 17.76 16.11
CA VAL B 423 5.51 16.65 16.47
C VAL B 423 6.40 15.46 16.66
N GLU B 424 7.29 15.24 15.71
CA GLU B 424 8.17 14.07 15.72
C GLU B 424 9.01 14.03 16.95
N VAL B 425 9.69 15.14 17.21
CA VAL B 425 10.59 15.22 18.32
C VAL B 425 9.82 15.16 19.67
N SER B 426 8.65 15.77 19.69
CA SER B 426 8.00 15.81 20.97
C SER B 426 7.48 14.43 21.32
N ARG B 427 6.99 13.72 20.31
CA ARG B 427 6.68 12.30 20.51
C ARG B 427 7.91 11.56 21.02
N SER B 428 9.07 11.87 20.44
CA SER B 428 10.26 11.20 20.97
C SER B 428 10.60 11.64 22.36
N LEU B 429 10.52 12.93 22.66
CA LEU B 429 10.97 13.28 24.00
C LEU B 429 10.09 12.59 25.10
N GLY B 430 8.78 12.52 24.87
CA GLY B 430 7.86 11.74 25.70
C GLY B 430 8.23 10.27 25.86
N LYS B 431 8.71 9.60 24.80
CA LYS B 431 9.14 8.18 24.93
C LYS B 431 10.30 8.00 25.92
N VAL B 432 11.06 9.08 26.12
CA VAL B 432 12.11 9.12 27.17
C VAL B 432 11.58 8.82 28.56
N GLY B 433 10.38 9.26 28.86
CA GLY B 433 9.84 9.02 30.18
C GLY B 433 9.70 7.55 30.42
N THR B 434 8.97 6.87 29.54
CA THR B 434 8.88 5.42 29.57
C THR B 434 10.25 4.77 29.63
N ARG B 435 11.16 5.17 28.73
CA ARG B 435 12.46 4.53 28.65
C ARG B 435 13.24 4.68 29.93
N CYS B 436 13.00 5.78 30.68
CA CYS B 436 13.86 6.13 31.85
C CYS B 436 13.26 6.20 33.28
N CYS B 437 11.96 6.45 33.40
CA CYS B 437 11.35 6.63 34.73
C CYS B 437 11.19 5.36 35.58
N THR B 438 10.85 4.24 34.93
CA THR B 438 10.84 2.91 35.58
C THR B 438 12.22 2.38 35.97
N LYS B 439 13.28 3.11 35.64
CA LYS B 439 14.60 2.69 36.05
C LYS B 439 14.92 3.16 37.49
N PRO B 440 15.65 2.28 38.23
CA PRO B 440 16.09 2.53 39.62
C PRO B 440 16.59 3.95 39.74
N GLU B 441 16.12 4.65 40.76
CA GLU B 441 16.40 6.09 40.89
C GLU B 441 17.80 6.49 40.47
N SER B 442 18.80 5.69 40.81
CA SER B 442 20.16 6.03 40.49
C SER B 442 20.34 6.08 38.97
N GLU B 443 19.71 5.12 38.28
CA GLU B 443 19.83 4.92 36.82
C GLU B 443 19.17 6.07 36.00
N ARG B 444 18.36 6.86 36.71
CA ARG B 444 17.46 7.81 36.09
C ARG B 444 18.12 8.94 35.28
N MET B 445 19.03 9.69 35.90
CA MET B 445 19.59 10.85 35.22
C MET B 445 20.42 10.45 33.98
N PRO B 446 21.37 9.50 34.14
CA PRO B 446 22.14 8.99 32.99
C PRO B 446 21.31 8.65 31.74
N CYS B 447 20.46 7.65 31.85
CA CYS B 447 19.52 7.31 30.82
C CYS B 447 18.98 8.58 30.13
N THR B 448 18.25 9.37 30.91
CA THR B 448 17.71 10.65 30.46
C THR B 448 18.71 11.53 29.73
N GLU B 449 19.82 11.88 30.34
CA GLU B 449 20.79 12.66 29.62
C GLU B 449 21.20 12.11 28.26
N ASP B 450 21.43 10.81 28.15
CA ASP B 450 21.95 10.31 26.90
C ASP B 450 20.92 10.29 25.83
N TYR B 451 19.72 9.84 26.17
CA TYR B 451 18.65 9.68 25.18
C TYR B 451 18.25 11.04 24.73
N LEU B 452 18.53 12.05 25.51
CA LEU B 452 18.10 13.37 25.12
C LEU B 452 19.09 14.02 24.13
N SER B 453 20.33 13.59 24.16
CA SER B 453 21.28 14.02 23.17
C SER B 453 20.84 13.51 21.81
N LEU B 454 20.46 12.24 21.79
CA LEU B 454 20.09 11.59 20.55
C LEU B 454 18.95 12.35 19.91
N ILE B 455 17.89 12.59 20.71
CA ILE B 455 16.68 13.28 20.27
C ILE B 455 16.87 14.77 19.98
N LEU B 456 17.58 15.48 20.83
CA LEU B 456 17.89 16.84 20.42
C LEU B 456 18.71 16.88 19.14
N ASN B 457 19.54 15.85 18.87
CA ASN B 457 20.34 15.96 17.63
C ASN B 457 19.42 15.76 16.41
N ARG B 458 18.50 14.87 16.58
CA ARG B 458 17.52 14.76 15.58
C ARG B 458 16.89 16.15 15.35
N LEU B 459 16.71 16.94 16.42
CA LEU B 459 16.10 18.25 16.23
C LEU B 459 17.06 19.14 15.44
N CYS B 460 18.32 19.16 15.84
CA CYS B 460 19.24 19.98 15.09
C CYS B 460 19.30 19.67 13.61
N VAL B 461 19.44 18.39 13.34
CA VAL B 461 19.64 17.91 11.99
C VAL B 461 18.41 18.23 11.18
N LEU B 462 17.18 18.03 11.69
CA LEU B 462 15.97 18.32 10.89
C LEU B 462 15.88 19.80 10.60
N HIS B 463 16.27 20.60 11.56
CA HIS B 463 16.15 22.02 11.45
C HIS B 463 17.24 22.62 10.55
N GLU B 464 18.49 22.14 10.65
CA GLU B 464 19.58 22.69 9.86
C GLU B 464 19.34 22.60 8.34
N LYS B 465 18.50 21.67 7.92
CA LYS B 465 18.16 21.57 6.51
C LYS B 465 17.49 22.89 6.09
N THR B 466 16.49 23.31 6.83
CA THR B 466 15.76 24.49 6.38
C THR B 466 15.51 25.29 7.63
N PRO B 467 16.53 26.07 8.03
CA PRO B 467 16.47 26.72 9.35
C PRO B 467 15.66 28.00 9.40
N VAL B 468 14.87 28.10 10.47
CA VAL B 468 13.82 29.10 10.59
C VAL B 468 13.69 29.56 12.05
N SER B 469 14.36 28.88 12.97
CA SER B 469 14.41 29.37 14.30
C SER B 469 15.83 29.70 14.61
N GLU B 470 16.07 30.94 15.06
CA GLU B 470 17.40 31.38 15.46
C GLU B 470 17.83 30.68 16.72
N LYS B 471 16.84 30.41 17.57
CA LYS B 471 17.15 29.83 18.89
C LYS B 471 17.55 28.36 18.77
N VAL B 472 16.92 27.64 17.85
CA VAL B 472 17.28 26.27 17.69
C VAL B 472 18.69 26.32 17.17
N THR B 473 19.01 27.27 16.27
CA THR B 473 20.33 27.26 15.61
C THR B 473 21.43 27.51 16.64
N LYS B 474 21.15 28.42 17.57
CA LYS B 474 22.10 28.79 18.60
C LYS B 474 22.47 27.58 19.47
N CYS B 475 21.45 26.85 19.90
CA CYS B 475 21.74 25.70 20.71
C CYS B 475 22.46 24.60 19.95
N CYS B 476 22.13 24.43 18.68
CA CYS B 476 22.66 23.36 17.93
C CYS B 476 24.12 23.57 17.64
N THR B 477 24.53 24.82 17.53
CA THR B 477 25.89 25.12 17.12
C THR B 477 26.79 25.44 18.31
N GLU B 478 26.23 25.75 19.47
CA GLU B 478 27.08 26.16 20.59
C GLU B 478 27.92 24.96 20.98
N SER B 479 27.25 23.82 21.07
CA SER B 479 27.86 22.70 21.69
C SER B 479 27.05 21.52 21.35
N LEU B 480 27.58 20.37 21.64
CA LEU B 480 26.82 19.19 21.40
C LEU B 480 26.41 18.79 22.78
N VAL B 481 27.31 19.12 23.71
CA VAL B 481 27.26 18.57 25.04
C VAL B 481 26.26 19.28 26.01
N ASN B 482 26.04 20.57 25.74
CA ASN B 482 25.23 21.45 26.57
C ASN B 482 23.90 21.71 25.96
N ARG B 483 23.61 21.01 24.88
CA ARG B 483 22.39 21.22 24.16
C ARG B 483 21.26 20.96 25.07
N ARG B 484 21.36 19.93 25.86
CA ARG B 484 20.21 19.70 26.67
C ARG B 484 19.95 20.93 27.64
N PRO B 485 20.93 21.30 28.47
CA PRO B 485 20.63 22.49 29.29
C PRO B 485 20.16 23.66 28.44
N CYS B 486 20.78 23.84 27.27
CA CYS B 486 20.50 25.01 26.49
C CYS B 486 19.01 24.98 26.10
N PHE B 487 18.51 23.82 25.69
CA PHE B 487 17.11 23.71 25.26
C PHE B 487 16.13 23.88 26.39
N SER B 488 16.42 23.25 27.50
CA SER B 488 15.72 23.57 28.75
C SER B 488 15.70 25.04 29.12
N ALA B 489 16.82 25.72 29.02
CA ALA B 489 16.81 27.12 29.38
C ALA B 489 15.88 28.06 28.55
N LEU B 490 15.45 27.67 27.35
CA LEU B 490 14.66 28.61 26.56
C LEU B 490 13.33 28.76 27.16
N THR B 491 12.70 29.90 26.87
CA THR B 491 11.34 30.19 27.31
C THR B 491 10.57 30.82 26.17
N PRO B 492 9.22 30.71 26.21
CA PRO B 492 8.38 31.32 25.17
C PRO B 492 8.78 32.78 25.02
N ASP B 493 8.59 33.39 23.86
CA ASP B 493 9.00 34.78 23.79
C ASP B 493 7.93 35.81 23.33
N GLU B 494 8.17 37.08 23.66
CA GLU B 494 7.24 38.18 23.38
C GLU B 494 7.17 38.67 21.93
N THR B 495 8.20 38.40 21.18
CA THR B 495 8.17 38.77 19.77
C THR B 495 7.25 37.88 18.90
N TYR B 496 6.97 36.65 19.31
CA TYR B 496 6.26 35.77 18.40
C TYR B 496 4.90 36.32 18.04
N VAL B 497 4.75 36.51 16.72
CA VAL B 497 3.56 37.10 16.15
C VAL B 497 2.66 35.91 15.87
N PRO B 498 1.50 35.83 16.53
CA PRO B 498 0.71 34.59 16.39
C PRO B 498 0.37 34.25 14.96
N LYS B 499 0.32 33.00 14.63
CA LYS B 499 -0.05 32.65 13.28
C LYS B 499 -1.58 32.89 13.00
N ALA B 500 -1.88 33.57 11.90
CA ALA B 500 -3.28 33.78 11.55
C ALA B 500 -4.06 32.46 11.39
N PHE B 501 -5.26 32.43 11.91
CA PHE B 501 -6.06 31.26 11.78
C PHE B 501 -6.13 30.73 10.35
N ASP B 502 -5.84 29.44 10.16
CA ASP B 502 -6.10 28.68 8.91
C ASP B 502 -7.04 27.47 9.06
N GLU B 503 -8.23 27.62 8.48
CA GLU B 503 -9.33 26.73 8.75
C GLU B 503 -9.01 25.32 8.31
N LYS B 504 -8.17 25.26 7.29
CA LYS B 504 -7.72 24.01 6.69
C LYS B 504 -6.98 23.10 7.67
N LEU B 505 -6.29 23.67 8.63
CA LEU B 505 -5.60 22.93 9.64
C LEU B 505 -6.54 22.43 10.70
N PHE B 506 -7.84 22.72 10.64
CA PHE B 506 -8.71 22.23 11.72
C PHE B 506 -10.00 21.58 11.21
N THR B 507 -10.09 21.31 9.91
CA THR B 507 -11.19 20.50 9.42
C THR B 507 -10.68 19.07 9.52
N PHE B 508 -11.60 18.15 9.79
CA PHE B 508 -11.31 16.72 9.82
C PHE B 508 -12.29 16.04 8.92
N HIS B 509 -11.95 14.85 8.43
CA HIS B 509 -12.81 14.16 7.49
C HIS B 509 -12.99 12.78 7.95
N ALA B 510 -13.89 12.02 7.32
CA ALA B 510 -14.05 10.61 7.66
C ALA B 510 -12.78 9.78 7.60
N ASP B 511 -11.85 10.11 6.71
CA ASP B 511 -10.61 9.34 6.53
C ASP B 511 -9.89 9.15 7.86
N ILE B 512 -10.09 10.11 8.77
CA ILE B 512 -9.37 10.05 10.02
C ILE B 512 -9.65 8.71 10.76
N CYS B 513 -10.84 8.16 10.57
CA CYS B 513 -11.16 6.87 11.20
C CYS B 513 -10.62 5.68 10.42
N THR B 514 -9.93 5.94 9.34
CA THR B 514 -9.31 4.92 8.54
C THR B 514 -7.92 4.77 9.07
N LEU B 515 -7.33 5.87 9.51
CA LEU B 515 -5.95 5.88 9.94
C LEU B 515 -5.72 4.87 11.07
N PRO B 516 -4.56 4.19 11.03
CA PRO B 516 -4.02 3.27 12.06
C PRO B 516 -3.84 4.01 13.38
N ASP B 517 -3.38 3.36 14.41
CA ASP B 517 -3.34 4.06 15.68
C ASP B 517 -2.38 5.22 15.68
N THR B 518 -1.12 4.94 15.38
CA THR B 518 -0.12 5.95 15.58
C THR B 518 -0.28 7.17 14.63
N GLU B 519 -0.71 6.93 13.40
CA GLU B 519 -0.93 8.02 12.47
C GLU B 519 -2.18 8.84 12.87
N LYS B 520 -3.03 8.30 13.72
CA LYS B 520 -4.20 9.01 14.19
C LYS B 520 -3.76 9.98 15.25
N GLN B 521 -2.90 9.52 16.18
CA GLN B 521 -2.29 10.41 17.18
C GLN B 521 -1.49 11.54 16.57
N ILE B 522 -0.87 11.30 15.41
CA ILE B 522 0.06 12.30 14.84
C ILE B 522 -0.75 13.46 14.28
N LYS B 523 -1.88 13.08 13.67
CA LYS B 523 -2.85 14.00 13.10
C LYS B 523 -3.45 14.86 14.19
N LYS B 524 -3.75 14.26 15.31
CA LYS B 524 -4.21 14.96 16.52
C LYS B 524 -3.10 15.74 17.16
N GLN B 525 -1.87 15.34 16.99
CA GLN B 525 -0.84 16.05 17.67
C GLN B 525 -0.40 17.20 16.83
N THR B 526 -0.58 17.07 15.52
CA THR B 526 -0.30 18.14 14.59
C THR B 526 -1.28 19.35 14.79
N ALA B 527 -2.52 19.08 15.12
CA ALA B 527 -3.46 20.17 15.22
C ALA B 527 -3.14 21.00 16.48
N LEU B 528 -2.85 20.26 17.55
CA LEU B 528 -2.34 20.80 18.80
C LEU B 528 -1.23 21.80 18.55
N VAL B 529 -0.21 21.37 17.83
CA VAL B 529 0.84 22.29 17.50
C VAL B 529 0.33 23.57 16.83
N GLU B 530 -0.47 23.42 15.79
CA GLU B 530 -0.91 24.55 15.02
C GLU B 530 -1.75 25.45 15.93
N LEU B 531 -2.35 24.80 16.91
CA LEU B 531 -3.18 25.49 17.83
C LEU B 531 -2.33 26.41 18.74
N LEU B 532 -1.23 25.89 19.29
CA LEU B 532 -0.31 26.74 20.01
C LEU B 532 0.41 27.76 19.14
N LYS B 533 0.28 27.60 17.81
CA LYS B 533 0.96 28.54 16.94
C LYS B 533 0.02 29.71 16.67
N HIS B 534 -1.27 29.44 16.71
CA HIS B 534 -2.30 30.43 16.44
C HIS B 534 -2.72 31.15 17.71
N LYS B 535 -2.65 30.43 18.83
CA LYS B 535 -2.96 30.96 20.17
C LYS B 535 -1.92 30.54 21.19
N PRO B 536 -0.72 31.12 21.14
CA PRO B 536 0.40 30.72 21.98
C PRO B 536 0.26 31.01 23.44
N LYS B 537 -0.64 31.90 23.81
CA LYS B 537 -0.88 32.20 25.22
C LYS B 537 -1.82 31.18 25.88
N ALA B 538 -2.52 30.39 25.05
CA ALA B 538 -3.48 29.36 25.53
C ALA B 538 -3.00 28.62 26.74
N THR B 539 -3.91 28.42 27.67
CA THR B 539 -3.54 27.97 29.00
C THR B 539 -3.57 26.46 29.05
N GLU B 540 -2.81 25.89 29.97
CA GLU B 540 -2.75 24.45 30.08
C GLU B 540 -4.16 23.90 29.98
N GLU B 541 -5.10 24.52 30.74
CA GLU B 541 -6.51 24.06 30.87
C GLU B 541 -7.30 24.17 29.58
N GLN B 542 -7.23 25.31 28.92
CA GLN B 542 -8.06 25.47 27.78
C GLN B 542 -7.68 24.37 26.77
N LEU B 543 -6.38 24.09 26.65
CA LEU B 543 -5.96 23.11 25.70
C LEU B 543 -6.51 21.74 26.01
N LYS B 544 -6.58 21.44 27.31
CA LYS B 544 -7.21 20.23 27.78
C LYS B 544 -8.64 20.14 27.19
N THR B 545 -9.42 21.19 27.44
CA THR B 545 -10.79 21.18 27.02
C THR B 545 -10.93 21.02 25.47
N VAL B 546 -10.12 21.75 24.72
CA VAL B 546 -10.10 21.58 23.31
C VAL B 546 -9.74 20.13 22.92
N MET B 547 -8.68 19.57 23.53
CA MET B 547 -8.26 18.22 23.22
C MET B 547 -9.48 17.26 23.30
N GLU B 548 -10.27 17.40 24.37
CA GLU B 548 -11.32 16.43 24.69
C GLU B 548 -12.54 16.54 23.76
N ASN B 549 -12.97 17.77 23.50
CA ASN B 549 -14.04 17.96 22.56
C ASN B 549 -13.63 17.45 21.20
N PHE B 550 -12.35 17.55 20.89
CA PHE B 550 -11.92 16.94 19.65
C PHE B 550 -12.14 15.41 19.64
N VAL B 551 -11.77 14.79 20.75
CA VAL B 551 -11.91 13.34 20.90
C VAL B 551 -13.38 12.94 20.77
N ALA B 552 -14.29 13.58 21.53
CA ALA B 552 -15.76 13.31 21.46
C ALA B 552 -16.30 13.59 20.07
N PHE B 553 -15.74 14.58 19.38
CA PHE B 553 -16.13 14.82 18.03
C PHE B 553 -15.70 13.61 17.13
N VAL B 554 -14.47 13.18 17.24
CA VAL B 554 -14.15 12.05 16.41
C VAL B 554 -15.00 10.79 16.71
N ASP B 555 -15.21 10.47 17.99
CA ASP B 555 -15.80 9.19 18.32
C ASP B 555 -17.22 9.18 17.76
N LYS B 556 -17.93 10.30 18.01
CA LYS B 556 -19.31 10.46 17.56
C LYS B 556 -19.41 10.20 16.05
N CYS B 557 -18.52 10.83 15.31
CA CYS B 557 -18.64 10.82 13.88
C CYS B 557 -18.14 9.53 13.25
N CYS B 558 -17.22 8.86 13.93
CA CYS B 558 -16.84 7.55 13.44
C CYS B 558 -17.88 6.49 13.83
N ALA B 559 -18.72 6.81 14.86
CA ALA B 559 -19.80 5.92 15.29
C ALA B 559 -20.96 5.98 14.32
N ALA B 560 -21.19 7.18 13.78
CA ALA B 560 -22.38 7.56 12.96
C ALA B 560 -22.63 6.73 11.73
N ASP B 561 -23.90 6.60 11.34
CA ASP B 561 -24.26 5.81 10.15
C ASP B 561 -23.75 6.46 8.89
N ASP B 562 -24.22 7.68 8.64
CA ASP B 562 -23.65 8.49 7.60
C ASP B 562 -22.55 9.35 8.24
N LYS B 563 -21.30 9.00 7.94
CA LYS B 563 -20.16 9.55 8.65
C LYS B 563 -19.72 10.92 8.18
N GLU B 564 -19.63 11.08 6.84
CA GLU B 564 -19.26 12.34 6.20
C GLU B 564 -20.33 13.34 6.50
N ALA B 565 -21.59 12.92 6.57
CA ALA B 565 -22.65 13.79 7.12
C ALA B 565 -22.26 14.38 8.49
N CYS B 566 -21.64 13.56 9.33
CA CYS B 566 -21.43 13.95 10.69
C CYS B 566 -20.25 14.89 10.75
N PHE B 567 -19.24 14.57 9.96
CA PHE B 567 -18.06 15.41 9.94
C PHE B 567 -18.38 16.79 9.39
N ALA B 568 -19.25 16.82 8.39
CA ALA B 568 -19.51 17.99 7.67
C ALA B 568 -20.24 18.98 8.55
N VAL B 569 -21.17 18.49 9.38
CA VAL B 569 -21.92 19.35 10.32
C VAL B 569 -21.14 19.63 11.63
N GLU B 570 -20.67 18.58 12.25
CA GLU B 570 -20.00 18.70 13.49
C GLU B 570 -18.66 19.43 13.43
N GLY B 571 -18.03 19.43 12.26
CA GLY B 571 -16.67 20.00 12.19
C GLY B 571 -16.69 21.49 12.49
N PRO B 572 -17.52 22.24 11.73
CA PRO B 572 -17.61 23.69 11.94
C PRO B 572 -18.11 24.10 13.36
N LYS B 573 -19.08 23.35 13.93
CA LYS B 573 -19.46 23.52 15.35
C LYS B 573 -18.23 23.55 16.26
N LEU B 574 -17.38 22.57 16.04
CA LEU B 574 -16.15 22.45 16.78
C LEU B 574 -15.26 23.65 16.64
N VAL B 575 -15.02 24.06 15.38
CA VAL B 575 -14.19 25.23 15.13
C VAL B 575 -14.72 26.44 15.87
N VAL B 576 -16.03 26.68 15.75
CA VAL B 576 -16.63 27.80 16.44
C VAL B 576 -16.42 27.75 17.94
N SER B 577 -16.80 26.63 18.57
CA SER B 577 -16.57 26.45 20.02
C SER B 577 -15.09 26.60 20.45
N THR B 578 -14.19 26.03 19.65
CA THR B 578 -12.81 26.15 19.97
C THR B 578 -12.46 27.58 19.87
N GLN B 579 -12.88 28.25 18.79
CA GLN B 579 -12.53 29.67 18.70
C GLN B 579 -13.06 30.49 19.87
N THR B 580 -14.28 30.22 20.28
CA THR B 580 -14.83 31.02 21.36
C THR B 580 -14.12 30.76 22.72
N ALA B 581 -13.81 29.49 22.99
CA ALA B 581 -13.02 29.14 24.15
C ALA B 581 -11.57 29.73 24.17
N LEU B 582 -10.96 30.08 23.03
CA LEU B 582 -9.58 30.53 23.10
C LEU B 582 -9.46 32.05 23.02
N ALA B 583 -10.60 32.68 23.28
CA ALA B 583 -10.69 34.09 23.73
C ALA B 583 -10.62 34.94 22.50
C1 NPS C . -34.66 -6.09 -5.59
O2 NPS C . -35.14 -4.80 -5.78
C2 NPS C . -33.38 -6.26 -5.01
C14 NPS C . -33.35 -12.40 -5.36
C3 NPS C . -32.86 -7.53 -4.84
C4 NPS C . -33.65 -8.62 -5.26
C5 NPS C . -34.90 -8.43 -5.83
C6 NPS C . -35.45 -7.15 -6.01
C7 NPS C . -33.15 -9.92 -5.11
C8 NPS C . -33.88 -11.01 -5.54
C10 NPS C . -33.47 -13.08 -6.67
C13 NPS C . -35.66 -9.55 -6.25
C11 NPS C . -35.15 -10.82 -6.10
C12 NPS C . -34.17 -3.79 -5.67
O NPS C . -34.13 -14.43 -4.35
OXT NPS C . -35.16 -12.58 -3.78
C15 NPS C . -34.26 -13.18 -4.44
C1 NPS D . -33.58 -17.88 -28.88
O2 NPS D . -34.15 -17.63 -30.13
C2 NPS D . -32.37 -18.56 -28.89
C14 NPS D . -31.18 -18.71 -22.78
C3 NPS D . -31.68 -18.86 -27.74
C4 NPS D . -32.19 -18.48 -26.49
C5 NPS D . -33.39 -17.78 -26.46
C6 NPS D . -34.14 -17.46 -27.66
C7 NPS D . -31.45 -18.81 -25.34
C8 NPS D . -31.92 -18.43 -24.10
C10 NPS D . -29.74 -19.10 -22.88
C13 NPS D . -33.87 -17.41 -25.18
C11 NPS D . -33.13 -17.73 -24.05
C12 NPS D . -33.33 -17.35 -31.26
O NPS D . -32.02 -19.24 -20.64
OXT NPS D . -32.13 -20.80 -22.22
C15 NPS D . -31.83 -19.64 -21.82
C1 NPS E . -28.92 -12.91 -21.93
O2 NPS E . -29.55 -14.13 -22.20
C2 NPS E . -27.62 -12.69 -22.45
C14 NPS E . -26.84 -7.01 -20.17
C3 NPS E . -26.90 -11.51 -22.24
C4 NPS E . -27.50 -10.52 -21.46
C5 NPS E . -28.81 -10.75 -20.93
C6 NPS E . -29.55 -11.92 -21.13
C7 NPS E . -26.76 -9.30 -21.22
C8 NPS E . -27.42 -8.34 -20.44
C10 NPS E . -27.62 -6.39 -19.07
C13 NPS E . -29.41 -9.76 -20.16
C11 NPS E . -28.70 -8.57 -19.94
C12 NPS E . -29.41 -14.78 -23.42
O NPS E . -26.27 -5.16 -21.62
OXT NPS E . -28.01 -6.31 -22.21
C15 NPS E . -27.06 -6.14 -21.39
C1 PGE F . -23.82 -8.15 12.35
O1 PGE F . -22.68 -7.41 12.30
C2 PGE F . -23.57 -9.56 12.62
O2 PGE F . -22.42 -9.91 13.32
C3 PGE F . -22.46 -11.06 14.14
C4 PGE F . -21.47 -11.07 15.25
O4 PGE F . -21.46 -14.87 18.31
C6 PGE F . -21.05 -13.54 18.01
C5 PGE F . -21.47 -13.07 16.63
O3 PGE F . -21.79 -11.68 16.47
C1 PEG G . -25.23 -2.74 -29.01
O1 PEG G . -25.96 -1.65 -29.42
C2 PEG G . -23.82 -2.45 -28.61
O2 PEG G . -23.39 -3.05 -27.40
C3 PEG G . -22.06 -3.44 -27.19
C4 PEG G . -21.27 -3.99 -28.36
O4 PEG G . -20.22 -3.23 -28.85
C1 NPS H . 12.47 13.62 30.65
O2 NPS H . 12.29 12.46 31.39
C2 NPS H . 11.71 13.71 29.46
C14 NPS H . 13.69 19.12 27.52
C3 NPS H . 11.83 14.83 28.64
C4 NPS H . 12.71 15.87 29.02
C5 NPS H . 13.48 15.79 30.18
C6 NPS H . 13.35 14.66 31.03
C7 NPS H . 12.78 16.96 28.19
C8 NPS H . 13.63 18.01 28.52
C10 NPS H . 15.09 19.19 26.99
C13 NPS H . 14.35 16.86 30.51
C11 NPS H . 14.43 17.97 29.68
C12 NPS H . 12.91 12.36 32.62
O NPS H . 13.96 21.35 28.31
OXT NPS H . 11.94 20.50 28.26
C15 NPS H . 13.17 20.40 28.07
C1 NPS I . 37.85 17.04 23.80
O2 NPS I . 39.11 16.64 24.15
C2 NPS I . 37.74 17.61 22.54
C14 NPS I . 31.58 18.60 22.57
C3 NPS I . 36.51 18.03 22.05
C4 NPS I . 35.35 17.87 22.84
C5 NPS I . 35.46 17.29 24.11
C6 NPS I . 36.72 16.86 24.61
C7 NPS I . 34.12 18.30 22.29
C8 NPS I . 32.96 18.16 23.06
C10 NPS I . 31.27 18.10 21.19
C13 NPS I . 34.28 17.12 24.89
C11 NPS I . 33.06 17.56 24.34
C12 NPS I . 39.27 15.29 24.46
O NPS I . 32.23 20.85 22.06
OXT NPS I . 30.13 20.48 22.79
C15 NPS I . 31.31 20.07 22.48
C1 NPS J . 29.36 13.29 21.72
O2 NPS J . 30.00 14.50 21.94
C2 NPS J . 29.73 12.48 20.61
C14 NPS J . 25.68 7.92 21.91
C3 NPS J . 29.10 11.23 20.39
C4 NPS J . 28.09 10.80 21.26
C5 NPS J . 27.74 11.64 22.34
C6 NPS J . 28.37 12.88 22.61
C7 NPS J . 27.43 9.58 21.02
C8 NPS J . 26.44 9.19 21.95
C10 NPS J . 24.59 8.01 22.93
C13 NPS J . 26.75 11.22 23.23
C11 NPS J . 26.12 10.01 23.04
C12 NPS J . 31.37 14.55 22.17
O NPS J . 27.33 6.98 23.39
OXT NPS J . 26.68 5.73 21.79
C15 NPS J . 26.61 6.83 22.38
#